data_5AEI
#
_entry.id   5AEI
#
_cell.length_a   88.830
_cell.length_b   215.280
_cell.length_c   105.990
_cell.angle_alpha   90.00
_cell.angle_beta   90.00
_cell.angle_gamma   90.00
#
_symmetry.space_group_name_H-M   'C 2 2 21'
#
loop_
_entity.id
_entity.type
_entity.pdbx_description
1 polymer 'DESIGNED ARMADILLO REPEAT PROTEIN YIIIM5AII'
2 polymer KR5
3 non-polymer 'ACETATE ION'
4 non-polymer GLYCEROL
5 non-polymer 'CALCIUM ION'
6 water water
#
loop_
_entity_poly.entity_id
_entity_poly.type
_entity_poly.pdbx_seq_one_letter_code
_entity_poly.pdbx_strand_id
1 'polypeptide(L)'
;GPGSELPQMVQQLNSPDQQELQSALRKLSQIASGGNEQIQAVIDAGALPALVQLLSSPNEQILQEALWALSNIASGGNEQ
IQAVIDAGALPALVQLLSSPNEQILQEALWALSNIASGGNEQIQAVIDAGALPALVQLLSSPNEQILQEALWALSNIASG
GNEQIQAVIDAGALPALVQLLSSPNEQILQEALWALSNIASGGNEQIQAVIDAGALPALVQLLSSPNEQILQEALWALSN
IASGGNEQKQAVKEAGALEKLEQLQSHENEKIQKEAQEALEKLQSH
;
A,B,C
2 'polypeptide(L)' KRKRKRKRKR D,E,F
#
# COMPACT_ATOMS: atom_id res chain seq x y z
N SER A 4 -11.10 -24.77 -28.01
CA SER A 4 -11.64 -26.12 -28.28
C SER A 4 -10.94 -26.75 -29.53
N GLU A 5 -10.34 -25.95 -30.42
CA GLU A 5 -9.34 -26.51 -31.38
C GLU A 5 -7.88 -26.75 -30.80
N LEU A 6 -7.59 -26.16 -29.65
CA LEU A 6 -6.26 -26.24 -29.07
C LEU A 6 -5.74 -27.64 -28.76
N PRO A 7 -6.56 -28.50 -28.16
CA PRO A 7 -6.09 -29.84 -27.92
C PRO A 7 -5.67 -30.61 -29.18
N GLN A 8 -6.42 -30.41 -30.26
CA GLN A 8 -6.09 -31.02 -31.50
C GLN A 8 -4.80 -30.44 -32.06
N MET A 9 -4.62 -29.12 -32.01
CA MET A 9 -3.32 -28.54 -32.39
C MET A 9 -2.19 -29.10 -31.59
N VAL A 10 -2.36 -29.25 -30.29
CA VAL A 10 -1.30 -29.82 -29.49
C VAL A 10 -1.01 -31.30 -29.89
N GLN A 11 -2.05 -32.09 -30.18
CA GLN A 11 -1.76 -33.45 -30.72
C GLN A 11 -1.03 -33.51 -32.03
N GLN A 12 -1.28 -32.56 -32.86
CA GLN A 12 -0.56 -32.46 -34.15
C GLN A 12 0.94 -32.19 -34.01
N LEU A 13 1.39 -31.74 -32.87
CA LEU A 13 2.81 -31.53 -32.62
C LEU A 13 3.60 -32.84 -32.62
N ASN A 14 2.90 -33.93 -32.51
CA ASN A 14 3.48 -35.28 -32.71
C ASN A 14 3.28 -35.94 -34.08
N SER A 15 2.61 -35.25 -35.02
CA SER A 15 2.28 -35.91 -36.27
C SER A 15 3.57 -36.22 -37.04
N PRO A 16 3.63 -37.36 -37.73
CA PRO A 16 4.81 -37.60 -38.52
C PRO A 16 4.64 -36.87 -39.91
N ASP A 17 3.53 -36.20 -40.11
CA ASP A 17 3.37 -35.36 -41.30
C ASP A 17 3.83 -33.95 -40.91
N GLN A 18 4.98 -33.57 -41.45
CA GLN A 18 5.60 -32.29 -41.15
C GLN A 18 4.76 -31.09 -41.60
N GLN A 19 3.88 -31.25 -42.57
CA GLN A 19 2.98 -30.14 -42.85
C GLN A 19 1.95 -29.91 -41.80
N GLU A 20 1.37 -30.96 -41.29
CA GLU A 20 0.42 -30.87 -40.18
C GLU A 20 1.07 -30.32 -38.92
N LEU A 21 2.22 -30.86 -38.62
CA LEU A 21 2.97 -30.39 -37.49
C LEU A 21 3.27 -28.89 -37.56
N GLN A 22 3.85 -28.46 -38.68
CA GLN A 22 4.23 -27.06 -38.80
C GLN A 22 3.01 -26.11 -38.76
N SER A 23 1.92 -26.51 -39.38
N SER A 23 1.91 -26.51 -39.38
CA SER A 23 0.67 -25.69 -39.33
CA SER A 23 0.65 -25.67 -39.31
C SER A 23 0.20 -25.48 -37.91
C SER A 23 0.19 -25.48 -37.91
N ALA A 24 0.18 -26.56 -37.13
CA ALA A 24 -0.17 -26.51 -35.73
C ALA A 24 0.77 -25.66 -34.93
N LEU A 25 2.07 -25.88 -35.18
CA LEU A 25 3.06 -25.09 -34.41
C LEU A 25 2.99 -23.59 -34.66
N ARG A 26 2.78 -23.20 -35.90
CA ARG A 26 2.63 -21.76 -36.27
C ARG A 26 1.34 -21.16 -35.69
N LYS A 27 0.27 -21.97 -35.66
CA LYS A 27 -0.95 -21.47 -35.02
C LYS A 27 -0.76 -21.29 -33.52
N LEU A 28 -0.16 -22.28 -32.87
CA LEU A 28 0.06 -22.17 -31.47
C LEU A 28 0.98 -20.98 -31.08
N SER A 29 2.05 -20.77 -31.83
CA SER A 29 2.97 -19.73 -31.43
C SER A 29 2.23 -18.38 -31.50
N GLN A 30 1.37 -18.25 -32.48
CA GLN A 30 0.74 -16.96 -32.64
C GLN A 30 -0.41 -16.79 -31.67
N ILE A 31 -1.10 -17.84 -31.28
CA ILE A 31 -2.12 -17.69 -30.21
C ILE A 31 -1.44 -17.25 -28.91
N ALA A 32 -0.26 -17.76 -28.68
CA ALA A 32 0.50 -17.41 -27.45
C ALA A 32 1.00 -16.00 -27.39
N SER A 33 0.98 -15.27 -28.55
CA SER A 33 1.38 -13.92 -28.64
C SER A 33 0.20 -12.98 -28.28
N GLY A 34 -0.95 -13.53 -27.97
CA GLY A 34 -2.17 -12.72 -27.87
C GLY A 34 -2.61 -12.41 -26.44
N GLY A 35 -1.73 -12.43 -25.49
CA GLY A 35 -2.06 -12.04 -24.10
C GLY A 35 -2.11 -13.23 -23.15
N ASN A 36 -2.16 -12.91 -21.86
CA ASN A 36 -1.94 -13.94 -20.85
C ASN A 36 -3.04 -14.95 -20.79
N GLU A 37 -4.29 -14.55 -21.16
CA GLU A 37 -5.38 -15.55 -21.18
C GLU A 37 -5.19 -16.55 -22.31
N GLN A 38 -4.72 -16.06 -23.44
CA GLN A 38 -4.47 -16.99 -24.55
C GLN A 38 -3.28 -17.90 -24.26
N ILE A 39 -2.24 -17.36 -23.61
CA ILE A 39 -1.15 -18.21 -23.12
C ILE A 39 -1.66 -19.31 -22.21
N GLN A 40 -2.57 -18.95 -21.27
CA GLN A 40 -3.07 -19.97 -20.32
C GLN A 40 -3.87 -21.07 -21.07
N ALA A 41 -4.61 -20.69 -22.11
CA ALA A 41 -5.32 -21.66 -22.90
C ALA A 41 -4.31 -22.65 -23.56
N VAL A 42 -3.24 -22.11 -24.08
CA VAL A 42 -2.19 -23.01 -24.66
C VAL A 42 -1.55 -23.92 -23.60
N ILE A 43 -1.24 -23.39 -22.44
CA ILE A 43 -0.71 -24.20 -21.37
C ILE A 43 -1.70 -25.26 -20.99
N ASP A 44 -2.94 -24.84 -20.81
CA ASP A 44 -4.01 -25.79 -20.34
C ASP A 44 -4.29 -26.89 -21.34
N ALA A 45 -4.07 -26.63 -22.62
CA ALA A 45 -4.23 -27.63 -23.65
C ALA A 45 -3.08 -28.62 -23.70
N GLY A 46 -2.01 -28.39 -22.90
CA GLY A 46 -0.96 -29.41 -22.74
C GLY A 46 0.20 -29.14 -23.69
N ALA A 47 0.38 -27.95 -24.23
CA ALA A 47 1.38 -27.73 -25.19
C ALA A 47 2.83 -27.83 -24.65
N LEU A 48 3.06 -27.51 -23.37
CA LEU A 48 4.44 -27.38 -22.92
C LEU A 48 5.35 -28.62 -23.06
N PRO A 49 4.86 -29.80 -22.70
CA PRO A 49 5.74 -30.96 -22.82
C PRO A 49 6.10 -31.22 -24.26
N ALA A 50 5.11 -31.02 -25.17
CA ALA A 50 5.41 -31.26 -26.57
C ALA A 50 6.40 -30.21 -27.09
N LEU A 51 6.23 -28.96 -26.69
CA LEU A 51 7.11 -27.92 -27.15
C LEU A 51 8.53 -28.15 -26.65
N VAL A 52 8.66 -28.58 -25.39
CA VAL A 52 10.00 -28.90 -24.83
C VAL A 52 10.61 -30.02 -25.59
N GLN A 53 9.85 -31.07 -25.95
CA GLN A 53 10.41 -32.11 -26.77
C GLN A 53 10.96 -31.62 -28.05
N LEU A 54 10.33 -30.61 -28.61
CA LEU A 54 10.81 -30.08 -29.87
C LEU A 54 12.10 -29.30 -29.84
N LEU A 55 12.56 -28.96 -28.63
CA LEU A 55 13.90 -28.36 -28.46
C LEU A 55 15.04 -29.36 -28.73
N SER A 56 14.73 -30.63 -28.86
CA SER A 56 15.70 -31.64 -29.33
C SER A 56 15.68 -31.92 -30.84
N SER A 57 14.83 -31.20 -31.56
CA SER A 57 14.71 -31.51 -33.00
C SER A 57 15.89 -31.00 -33.83
N PRO A 58 16.40 -31.82 -34.73
CA PRO A 58 17.43 -31.40 -35.64
C PRO A 58 16.85 -30.70 -36.87
N ASN A 59 15.58 -30.52 -36.89
CA ASN A 59 14.86 -29.80 -37.94
C ASN A 59 14.80 -28.34 -37.57
N GLU A 60 15.54 -27.49 -38.27
CA GLU A 60 15.61 -26.08 -37.89
C GLU A 60 14.33 -25.31 -38.08
N GLN A 61 13.47 -25.75 -38.99
CA GLN A 61 12.19 -25.11 -39.16
C GLN A 61 11.27 -25.36 -37.99
N ILE A 62 11.20 -26.61 -37.50
CA ILE A 62 10.49 -26.97 -36.27
C ILE A 62 11.07 -26.30 -35.05
N LEU A 63 12.40 -26.25 -34.96
CA LEU A 63 13.01 -25.67 -33.79
C LEU A 63 12.76 -24.19 -33.69
N GLN A 64 12.88 -23.48 -34.80
CA GLN A 64 12.64 -22.05 -34.78
C GLN A 64 11.25 -21.76 -34.25
N GLU A 65 10.25 -22.45 -34.81
CA GLU A 65 8.83 -22.10 -34.44
C GLU A 65 8.51 -22.53 -33.06
N ALA A 66 9.10 -23.63 -32.59
CA ALA A 66 9.03 -24.04 -31.22
C ALA A 66 9.59 -23.00 -30.28
N LEU A 67 10.68 -22.41 -30.66
CA LEU A 67 11.27 -21.34 -29.91
C LEU A 67 10.37 -20.12 -29.91
N TRP A 68 9.77 -19.79 -31.04
CA TRP A 68 8.83 -18.63 -31.03
C TRP A 68 7.70 -18.91 -30.03
N ALA A 69 7.13 -20.12 -30.05
CA ALA A 69 6.00 -20.45 -29.13
C ALA A 69 6.41 -20.33 -27.67
N LEU A 70 7.58 -20.88 -27.31
CA LEU A 70 8.07 -20.81 -25.96
C LEU A 70 8.38 -19.39 -25.54
N SER A 71 8.99 -18.60 -26.44
CA SER A 71 9.20 -17.18 -26.18
C SER A 71 7.89 -16.43 -25.87
N ASN A 72 6.86 -16.69 -26.69
CA ASN A 72 5.60 -16.03 -26.50
C ASN A 72 4.92 -16.48 -25.19
N ILE A 73 4.97 -17.78 -24.85
CA ILE A 73 4.45 -18.22 -23.52
C ILE A 73 5.20 -17.51 -22.37
N ALA A 74 6.55 -17.40 -22.55
CA ALA A 74 7.33 -16.72 -21.59
C ALA A 74 7.17 -15.21 -21.58
N SER A 75 6.35 -14.64 -22.41
CA SER A 75 5.96 -13.22 -22.31
C SER A 75 4.77 -12.98 -21.42
N GLY A 76 4.29 -14.04 -20.78
CA GLY A 76 3.21 -14.05 -19.88
C GLY A 76 3.60 -13.74 -18.48
N GLY A 77 2.68 -14.07 -17.53
CA GLY A 77 2.89 -13.79 -16.14
C GLY A 77 4.01 -14.64 -15.57
N ASN A 78 4.48 -14.28 -14.36
CA ASN A 78 5.58 -15.00 -13.78
C ASN A 78 5.31 -16.49 -13.60
N GLU A 79 4.08 -16.88 -13.22
CA GLU A 79 3.79 -18.31 -13.06
C GLU A 79 3.64 -19.02 -14.40
N GLN A 80 3.33 -18.28 -15.42
CA GLN A 80 3.34 -18.88 -16.77
C GLN A 80 4.80 -19.16 -17.23
N ILE A 81 5.66 -18.21 -16.96
CA ILE A 81 7.12 -18.44 -17.19
C ILE A 81 7.57 -19.68 -16.41
N GLN A 82 7.15 -19.74 -15.16
CA GLN A 82 7.53 -20.88 -14.29
C GLN A 82 7.05 -22.18 -14.82
N ALA A 83 5.92 -22.17 -15.50
CA ALA A 83 5.45 -23.39 -16.15
C ALA A 83 6.43 -23.86 -17.21
N VAL A 84 6.96 -22.94 -17.96
CA VAL A 84 8.01 -23.30 -18.97
C VAL A 84 9.20 -23.96 -18.27
N ILE A 85 9.68 -23.30 -17.21
CA ILE A 85 10.83 -23.87 -16.40
C ILE A 85 10.47 -25.23 -15.86
N ASP A 86 9.26 -25.36 -15.29
CA ASP A 86 8.84 -26.67 -14.75
C ASP A 86 8.66 -27.75 -15.80
N ALA A 87 8.45 -27.40 -17.08
CA ALA A 87 8.29 -28.38 -18.10
C ALA A 87 9.71 -28.87 -18.55
N GLY A 88 10.77 -28.28 -17.99
CA GLY A 88 12.12 -28.72 -18.21
C GLY A 88 12.81 -28.10 -19.43
N ALA A 89 12.37 -26.94 -19.87
CA ALA A 89 12.98 -26.33 -21.04
C ALA A 89 14.41 -25.85 -20.92
N LEU A 90 14.84 -25.45 -19.72
CA LEU A 90 16.00 -24.57 -19.68
C LEU A 90 17.29 -25.28 -20.19
N PRO A 91 17.56 -26.57 -19.82
CA PRO A 91 18.88 -27.05 -20.29
C PRO A 91 18.99 -27.07 -21.81
N ALA A 92 17.95 -27.59 -22.48
CA ALA A 92 17.93 -27.65 -23.91
C ALA A 92 17.98 -26.28 -24.58
N LEU A 93 17.39 -25.24 -23.97
N LEU A 93 17.39 -25.30 -23.96
CA LEU A 93 17.51 -23.80 -24.39
CA LEU A 93 17.43 -23.96 -24.40
C LEU A 93 18.85 -23.29 -24.27
C LEU A 93 18.76 -23.23 -24.23
N VAL A 94 19.39 -23.40 -23.08
CA VAL A 94 20.66 -22.85 -22.83
C VAL A 94 21.70 -23.49 -23.74
N GLN A 95 21.56 -24.77 -24.01
CA GLN A 95 22.52 -25.46 -24.88
C GLN A 95 22.56 -24.91 -26.26
N LEU A 96 21.43 -24.35 -26.72
CA LEU A 96 21.42 -23.70 -28.01
C LEU A 96 22.20 -22.43 -28.08
N LEU A 97 22.70 -21.90 -26.94
CA LEU A 97 23.60 -20.75 -27.06
C LEU A 97 24.97 -21.10 -27.65
N SER A 98 25.26 -22.38 -27.80
CA SER A 98 26.43 -22.83 -28.55
C SER A 98 26.22 -22.90 -30.05
N SER A 99 25.00 -22.63 -30.54
CA SER A 99 24.70 -22.90 -31.98
C SER A 99 25.49 -21.93 -32.86
N PRO A 100 25.97 -22.37 -34.00
CA PRO A 100 26.61 -21.50 -34.98
C PRO A 100 25.51 -21.03 -35.98
N ASN A 101 24.26 -21.43 -35.76
CA ASN A 101 23.16 -20.96 -36.56
C ASN A 101 22.55 -19.70 -35.93
N GLU A 102 22.75 -18.56 -36.59
CA GLU A 102 22.38 -17.31 -36.06
C GLU A 102 20.88 -17.22 -35.86
N GLN A 103 20.07 -17.84 -36.69
CA GLN A 103 18.65 -17.79 -36.44
C GLN A 103 18.25 -18.49 -35.14
N ILE A 104 18.73 -19.71 -34.97
CA ILE A 104 18.50 -20.49 -33.76
C ILE A 104 19.04 -19.78 -32.56
N LEU A 105 20.22 -19.20 -32.65
CA LEU A 105 20.82 -18.49 -31.52
C LEU A 105 19.95 -17.30 -31.16
N GLN A 106 19.56 -16.50 -32.14
CA GLN A 106 18.75 -15.36 -31.87
C GLN A 106 17.43 -15.76 -31.20
N GLU A 107 16.83 -16.87 -31.66
CA GLU A 107 15.56 -17.26 -31.11
C GLU A 107 15.68 -17.88 -29.70
N ALA A 108 16.77 -18.64 -29.43
CA ALA A 108 17.02 -19.12 -28.12
C ALA A 108 17.30 -17.95 -27.14
N LEU A 109 18.01 -16.94 -27.57
CA LEU A 109 18.21 -15.85 -26.70
C LEU A 109 17.00 -15.06 -26.30
N TRP A 110 16.07 -14.83 -27.25
CA TRP A 110 14.83 -14.22 -26.90
C TRP A 110 14.08 -15.01 -25.89
N ALA A 111 14.02 -16.32 -26.08
CA ALA A 111 13.28 -17.15 -25.13
C ALA A 111 13.90 -17.05 -23.70
N LEU A 112 15.22 -17.18 -23.61
N LEU A 112 15.21 -17.18 -23.62
CA LEU A 112 15.88 -17.06 -22.37
CA LEU A 112 15.87 -17.08 -22.36
C LEU A 112 15.74 -15.70 -21.75
C LEU A 112 15.75 -15.69 -21.74
N SER A 113 15.86 -14.66 -22.56
CA SER A 113 15.66 -13.31 -22.08
C SER A 113 14.21 -13.10 -21.49
N ASN A 114 13.21 -13.60 -22.17
CA ASN A 114 11.84 -13.54 -21.61
C ASN A 114 11.69 -14.30 -20.30
N ILE A 115 12.36 -15.45 -20.20
CA ILE A 115 12.26 -16.22 -18.93
C ILE A 115 12.89 -15.37 -17.83
N ALA A 116 14.02 -14.74 -18.13
CA ALA A 116 14.71 -13.92 -17.17
C ALA A 116 13.96 -12.60 -16.88
N SER A 117 12.89 -12.28 -17.59
CA SER A 117 12.08 -11.12 -17.33
C SER A 117 11.05 -11.44 -16.27
N GLY A 118 11.05 -12.67 -15.75
CA GLY A 118 10.13 -13.08 -14.69
C GLY A 118 10.62 -12.54 -13.32
N GLY A 119 10.11 -13.12 -12.27
CA GLY A 119 10.53 -12.73 -10.90
C GLY A 119 11.79 -13.40 -10.45
N ASN A 120 12.21 -13.23 -9.21
CA ASN A 120 13.49 -13.77 -8.83
C ASN A 120 13.66 -15.31 -8.88
N GLU A 121 12.58 -16.07 -8.66
CA GLU A 121 12.61 -17.52 -8.81
C GLU A 121 12.91 -17.91 -10.27
N GLN A 122 12.32 -17.15 -11.22
CA GLN A 122 12.48 -17.46 -12.62
C GLN A 122 13.94 -17.09 -13.09
N ILE A 123 14.38 -15.91 -12.66
CA ILE A 123 15.71 -15.49 -12.95
C ILE A 123 16.75 -16.48 -12.38
N GLN A 124 16.52 -16.92 -11.15
CA GLN A 124 17.54 -17.77 -10.53
C GLN A 124 17.62 -19.09 -11.26
N ALA A 125 16.48 -19.56 -11.80
CA ALA A 125 16.52 -20.78 -12.56
C ALA A 125 17.42 -20.69 -13.79
N VAL A 126 17.39 -19.54 -14.47
CA VAL A 126 18.23 -19.28 -15.64
C VAL A 126 19.70 -19.28 -15.19
N ILE A 127 20.00 -18.61 -14.09
CA ILE A 127 21.36 -18.62 -13.56
C ILE A 127 21.81 -20.08 -13.27
N ASP A 128 20.95 -20.82 -12.59
CA ASP A 128 21.21 -22.19 -12.19
C ASP A 128 21.34 -23.16 -13.34
N ALA A 129 20.75 -22.85 -14.49
CA ALA A 129 20.89 -23.65 -15.63
C ALA A 129 22.26 -23.49 -16.29
N GLY A 130 23.06 -22.51 -15.86
CA GLY A 130 24.40 -22.33 -16.37
C GLY A 130 24.52 -21.38 -17.49
N ALA A 131 23.57 -20.46 -17.68
CA ALA A 131 23.66 -19.58 -18.87
C ALA A 131 24.68 -18.48 -18.83
N LEU A 132 25.14 -18.04 -17.67
CA LEU A 132 25.89 -16.79 -17.66
C LEU A 132 27.21 -16.76 -18.37
N PRO A 133 28.03 -17.82 -18.29
CA PRO A 133 29.29 -17.68 -19.04
C PRO A 133 29.11 -17.47 -20.54
N ALA A 134 28.15 -18.14 -21.14
CA ALA A 134 27.87 -18.00 -22.52
C ALA A 134 27.40 -16.61 -22.83
N LEU A 135 26.50 -16.07 -21.96
CA LEU A 135 25.91 -14.78 -22.22
C LEU A 135 27.01 -13.72 -22.16
N VAL A 136 27.92 -13.87 -21.20
CA VAL A 136 29.03 -12.92 -21.07
C VAL A 136 29.94 -13.01 -22.28
N GLN A 137 30.28 -14.20 -22.74
CA GLN A 137 31.11 -14.32 -23.96
C GLN A 137 30.47 -13.66 -25.20
N LEU A 138 29.12 -13.75 -25.29
CA LEU A 138 28.40 -13.14 -26.46
C LEU A 138 28.49 -11.64 -26.40
N LEU A 139 28.93 -11.05 -25.28
CA LEU A 139 29.21 -9.59 -25.27
C LEU A 139 30.36 -9.24 -26.16
N SER A 140 31.20 -10.19 -26.54
CA SER A 140 32.25 -9.97 -27.53
C SER A 140 31.84 -10.28 -28.97
N SER A 141 30.58 -10.57 -29.24
CA SER A 141 30.16 -10.97 -30.55
C SER A 141 30.31 -9.77 -31.51
N PRO A 142 30.81 -10.04 -32.71
CA PRO A 142 30.83 -9.00 -33.74
C PRO A 142 29.44 -8.89 -34.45
N ASN A 143 28.45 -9.72 -34.08
CA ASN A 143 27.10 -9.68 -34.60
C ASN A 143 26.23 -8.82 -33.70
N GLU A 144 25.87 -7.64 -34.17
CA GLU A 144 25.17 -6.71 -33.38
C GLU A 144 23.75 -7.21 -32.92
N GLN A 145 23.12 -8.04 -33.73
CA GLN A 145 21.84 -8.60 -33.30
C GLN A 145 21.96 -9.51 -32.12
N ILE A 146 22.98 -10.38 -32.15
CA ILE A 146 23.26 -11.27 -31.08
C ILE A 146 23.68 -10.51 -29.85
N LEU A 147 24.50 -9.50 -30.04
CA LEU A 147 24.99 -8.71 -28.94
C LEU A 147 23.84 -7.99 -28.24
N GLN A 148 22.90 -7.45 -29.02
CA GLN A 148 21.76 -6.80 -28.40
C GLN A 148 20.99 -7.76 -27.53
N GLU A 149 20.74 -8.94 -28.08
CA GLU A 149 19.96 -9.94 -27.37
C GLU A 149 20.65 -10.45 -26.10
N ALA A 150 21.95 -10.60 -26.13
CA ALA A 150 22.70 -10.99 -24.95
C ALA A 150 22.61 -9.93 -23.91
N LEU A 151 22.63 -8.65 -24.35
CA LEU A 151 22.50 -7.53 -23.40
C LEU A 151 21.09 -7.49 -22.78
N TRP A 152 20.07 -7.83 -23.55
CA TRP A 152 18.69 -7.93 -22.97
C TRP A 152 18.67 -9.01 -21.88
N ALA A 153 19.22 -10.17 -22.20
CA ALA A 153 19.15 -11.32 -21.28
C ALA A 153 19.89 -10.99 -20.01
N LEU A 154 21.06 -10.39 -20.16
CA LEU A 154 21.85 -10.04 -19.00
C LEU A 154 21.22 -8.94 -18.16
N SER A 155 20.63 -7.96 -18.82
N SER A 155 20.57 -7.99 -18.83
CA SER A 155 19.90 -6.90 -18.14
CA SER A 155 19.84 -6.89 -18.16
C SER A 155 18.71 -7.46 -17.39
C SER A 155 18.70 -7.43 -17.41
N ASN A 156 17.96 -8.38 -18.02
CA ASN A 156 16.90 -9.03 -17.29
C ASN A 156 17.36 -9.78 -16.06
N ILE A 157 18.44 -10.52 -16.25
CA ILE A 157 18.98 -11.29 -15.11
C ILE A 157 19.32 -10.28 -13.95
N ALA A 158 19.92 -9.17 -14.33
CA ALA A 158 20.34 -8.16 -13.41
C ALA A 158 19.20 -7.26 -12.88
N SER A 159 17.97 -7.55 -13.31
CA SER A 159 16.77 -6.87 -12.79
C SER A 159 16.27 -7.51 -11.51
N GLY A 160 16.91 -8.56 -11.07
CA GLY A 160 16.48 -9.32 -9.90
C GLY A 160 17.01 -8.71 -8.62
N GLY A 161 17.02 -9.51 -7.59
CA GLY A 161 17.62 -9.06 -6.33
C GLY A 161 19.11 -9.20 -6.30
N ASN A 162 19.71 -8.81 -5.15
CA ASN A 162 21.16 -8.68 -5.09
C ASN A 162 21.90 -10.02 -5.45
N GLU A 163 21.31 -11.14 -5.05
CA GLU A 163 21.93 -12.41 -5.42
C GLU A 163 21.98 -12.68 -6.94
N GLN A 164 20.90 -12.24 -7.60
CA GLN A 164 20.83 -12.40 -9.04
C GLN A 164 21.90 -11.45 -9.68
N ILE A 165 21.90 -10.19 -9.27
CA ILE A 165 22.91 -9.20 -9.70
C ILE A 165 24.31 -9.72 -9.53
N GLN A 166 24.57 -10.25 -8.37
CA GLN A 166 25.93 -10.65 -8.02
C GLN A 166 26.40 -11.81 -8.93
N ALA A 167 25.46 -12.69 -9.37
CA ALA A 167 25.84 -13.78 -10.27
C ALA A 167 26.31 -13.22 -11.59
N VAL A 168 25.72 -12.12 -12.03
CA VAL A 168 26.14 -11.42 -13.30
C VAL A 168 27.54 -10.82 -13.17
N ILE A 169 27.77 -10.24 -12.03
CA ILE A 169 29.06 -9.64 -11.70
C ILE A 169 30.12 -10.79 -11.62
N ASP A 170 29.77 -11.82 -10.92
CA ASP A 170 30.73 -13.01 -10.75
C ASP A 170 30.99 -13.72 -12.04
N ALA A 171 30.12 -13.59 -13.05
CA ALA A 171 30.41 -14.14 -14.34
C ALA A 171 31.30 -13.25 -15.18
N GLY A 172 31.73 -12.11 -14.66
CA GLY A 172 32.69 -11.25 -15.37
C GLY A 172 32.06 -10.34 -16.40
N ALA A 173 30.78 -9.95 -16.25
CA ALA A 173 30.12 -9.11 -17.25
C ALA A 173 30.63 -7.67 -17.26
N LEU A 174 31.10 -7.16 -16.10
CA LEU A 174 31.35 -5.72 -15.98
C LEU A 174 32.44 -5.19 -16.91
N PRO A 175 33.60 -5.88 -17.04
CA PRO A 175 34.59 -5.28 -17.97
C PRO A 175 34.07 -5.08 -19.45
N ALA A 176 33.33 -6.03 -19.92
CA ALA A 176 32.75 -5.97 -21.28
C ALA A 176 31.70 -4.87 -21.36
N LEU A 177 30.86 -4.75 -20.29
CA LEU A 177 29.84 -3.71 -20.30
C LEU A 177 30.47 -2.35 -20.31
N VAL A 178 31.49 -2.18 -19.50
CA VAL A 178 32.20 -0.89 -19.53
C VAL A 178 32.90 -0.60 -20.86
N GLN A 179 33.45 -1.62 -21.46
CA GLN A 179 34.09 -1.41 -22.82
C GLN A 179 33.02 -0.92 -23.87
N LEU A 180 31.78 -1.47 -23.76
CA LEU A 180 30.70 -1.13 -24.68
C LEU A 180 30.27 0.35 -24.56
N LEU A 181 30.62 1.05 -23.46
CA LEU A 181 30.31 2.43 -23.31
C LEU A 181 30.99 3.35 -24.31
N SER A 182 31.99 2.86 -24.97
CA SER A 182 32.60 3.62 -26.03
C SER A 182 32.06 3.30 -27.42
N SER A 183 31.05 2.45 -27.52
CA SER A 183 30.53 2.12 -28.83
C SER A 183 29.95 3.34 -29.56
N PRO A 184 30.22 3.47 -30.86
CA PRO A 184 29.51 4.47 -31.69
C PRO A 184 28.14 3.98 -32.11
N ASN A 185 27.76 2.78 -31.69
CA ASN A 185 26.41 2.26 -31.96
C ASN A 185 25.45 2.67 -30.84
N GLU A 186 24.60 3.67 -31.10
CA GLU A 186 23.77 4.22 -30.04
C GLU A 186 22.78 3.24 -29.47
N GLN A 187 22.40 2.24 -30.24
CA GLN A 187 21.49 1.21 -29.81
C GLN A 187 22.22 0.32 -28.79
N ILE A 188 23.38 -0.18 -29.15
CA ILE A 188 24.19 -1.04 -28.28
C ILE A 188 24.65 -0.28 -27.01
N LEU A 189 24.99 0.99 -27.13
CA LEU A 189 25.37 1.78 -25.98
C LEU A 189 24.30 1.87 -24.95
N GLN A 190 23.05 2.12 -25.41
CA GLN A 190 21.91 2.21 -24.50
C GLN A 190 21.58 0.86 -23.81
N GLU A 191 21.74 -0.22 -24.52
CA GLU A 191 21.57 -1.52 -23.91
C GLU A 191 22.63 -1.86 -22.85
N ALA A 192 23.86 -1.45 -23.08
CA ALA A 192 24.91 -1.57 -22.10
C ALA A 192 24.67 -0.70 -20.86
N LEU A 193 24.17 0.49 -21.10
CA LEU A 193 23.78 1.36 -19.99
C LEU A 193 22.58 0.82 -19.19
N TRP A 194 21.60 0.26 -19.85
CA TRP A 194 20.56 -0.41 -19.15
C TRP A 194 21.09 -1.56 -18.21
N ALA A 195 21.99 -2.40 -18.75
CA ALA A 195 22.53 -3.46 -17.96
C ALA A 195 23.26 -2.88 -16.72
N LEU A 196 24.13 -1.90 -16.94
CA LEU A 196 24.83 -1.28 -15.81
C LEU A 196 23.86 -0.64 -14.79
N SER A 197 22.82 0.02 -15.33
N SER A 197 22.81 0.03 -15.32
N SER A 197 22.80 0.02 -15.32
CA SER A 197 21.88 0.75 -14.47
CA SER A 197 21.85 0.75 -14.49
CA SER A 197 21.84 0.74 -14.46
C SER A 197 20.93 -0.10 -13.62
C SER A 197 20.94 -0.11 -13.61
C SER A 197 20.94 -0.11 -13.60
N ASN A 198 20.77 -1.43 -14.16
CA ASN A 198 20.15 -2.55 -13.32
C ASN A 198 21.13 -3.09 -12.31
N ILE A 199 22.36 -3.33 -12.71
CA ILE A 199 23.38 -3.85 -11.76
C ILE A 199 23.53 -2.86 -10.61
N ALA A 200 23.57 -1.56 -10.94
CA ALA A 200 23.76 -0.52 -9.92
C ALA A 200 22.54 -0.23 -9.09
N SER A 201 21.43 -0.92 -9.38
CA SER A 201 20.27 -0.82 -8.54
C SER A 201 20.33 -1.84 -7.41
N GLY A 202 21.40 -2.60 -7.30
CA GLY A 202 21.60 -3.43 -6.17
C GLY A 202 22.07 -2.74 -4.88
N GLY A 203 22.75 -3.52 -4.05
CA GLY A 203 23.25 -3.00 -2.84
C GLY A 203 24.62 -2.36 -3.03
N ASN A 204 25.20 -1.90 -1.94
CA ASN A 204 26.49 -1.22 -2.05
C ASN A 204 27.65 -2.03 -2.62
N GLU A 205 27.68 -3.31 -2.39
CA GLU A 205 28.76 -4.19 -2.90
C GLU A 205 28.60 -4.27 -4.42
N GLN A 206 27.36 -4.25 -4.90
CA GLN A 206 27.13 -4.37 -6.35
C GLN A 206 27.49 -3.04 -6.95
N ILE A 207 27.03 -1.95 -6.36
CA ILE A 207 27.44 -0.61 -6.84
C ILE A 207 28.95 -0.45 -6.88
N GLN A 208 29.61 -0.88 -5.80
CA GLN A 208 31.08 -0.70 -5.74
C GLN A 208 31.76 -1.54 -6.85
N ALA A 209 31.18 -2.69 -7.25
CA ALA A 209 31.74 -3.44 -8.36
C ALA A 209 31.67 -2.66 -9.65
N VAL A 210 30.60 -1.87 -9.82
CA VAL A 210 30.44 -1.09 -11.01
C VAL A 210 31.53 0.03 -11.04
N ILE A 211 31.70 0.62 -9.92
CA ILE A 211 32.75 1.66 -9.76
C ILE A 211 34.14 1.05 -10.00
N ASP A 212 34.42 -0.08 -9.38
CA ASP A 212 35.78 -0.68 -9.46
C ASP A 212 36.10 -1.13 -10.86
N ALA A 213 35.10 -1.42 -11.72
CA ALA A 213 35.33 -1.75 -13.10
C ALA A 213 35.54 -0.53 -13.98
N GLY A 214 35.49 0.68 -13.41
CA GLY A 214 35.87 1.85 -14.15
C GLY A 214 34.71 2.48 -14.91
N ALA A 215 33.45 2.26 -14.48
CA ALA A 215 32.32 2.87 -15.18
C ALA A 215 32.20 4.39 -15.06
N LEU A 216 32.65 4.99 -13.94
CA LEU A 216 32.32 6.38 -13.71
C LEU A 216 32.85 7.38 -14.70
N PRO A 217 34.12 7.26 -15.16
CA PRO A 217 34.61 8.25 -16.16
C PRO A 217 33.82 8.25 -17.42
N ALA A 218 33.40 7.07 -17.89
CA ALA A 218 32.60 6.96 -19.08
C ALA A 218 31.17 7.49 -18.89
N LEU A 219 30.56 7.20 -17.74
CA LEU A 219 29.25 7.76 -17.45
C LEU A 219 29.23 9.24 -17.32
N VAL A 220 30.25 9.79 -16.65
CA VAL A 220 30.34 11.22 -16.56
C VAL A 220 30.54 11.91 -17.92
N GLN A 221 31.33 11.31 -18.81
CA GLN A 221 31.48 11.81 -20.20
C GLN A 221 30.16 11.79 -20.93
N LEU A 222 29.35 10.73 -20.69
CA LEU A 222 28.09 10.62 -21.37
C LEU A 222 27.03 11.61 -20.89
N LEU A 223 27.25 12.27 -19.76
CA LEU A 223 26.39 13.34 -19.36
C LEU A 223 26.49 14.56 -20.31
N SER A 224 27.46 14.57 -21.21
CA SER A 224 27.60 15.65 -22.19
C SER A 224 27.04 15.21 -23.51
N SER A 225 26.39 14.02 -23.59
CA SER A 225 25.85 13.62 -24.89
C SER A 225 24.73 14.55 -25.35
N PRO A 226 24.69 14.86 -26.66
CA PRO A 226 23.60 15.63 -27.26
C PRO A 226 22.43 14.75 -27.58
N ASN A 227 22.58 13.45 -27.37
CA ASN A 227 21.48 12.45 -27.62
C ASN A 227 20.75 12.22 -26.30
N GLU A 228 19.54 12.76 -26.18
CA GLU A 228 18.79 12.63 -24.90
C GLU A 228 18.50 11.17 -24.48
N GLN A 229 18.44 10.27 -25.46
CA GLN A 229 18.20 8.81 -25.12
C GLN A 229 19.38 8.29 -24.34
N ILE A 230 20.56 8.61 -24.84
CA ILE A 230 21.86 8.16 -24.19
C ILE A 230 21.95 8.88 -22.88
N LEU A 231 21.70 10.20 -22.89
CA LEU A 231 21.94 10.97 -21.67
C LEU A 231 21.11 10.41 -20.57
N GLN A 232 19.79 10.11 -20.91
CA GLN A 232 18.87 9.57 -19.90
C GLN A 232 19.35 8.27 -19.28
N GLU A 233 19.87 7.41 -20.14
CA GLU A 233 20.29 6.12 -19.66
C GLU A 233 21.52 6.28 -18.77
N ALA A 234 22.41 7.18 -19.16
CA ALA A 234 23.63 7.44 -18.33
C ALA A 234 23.28 8.06 -17.04
N LEU A 235 22.30 8.96 -17.06
CA LEU A 235 21.81 9.57 -15.80
C LEU A 235 21.15 8.55 -14.89
N TRP A 236 20.35 7.64 -15.47
CA TRP A 236 19.75 6.60 -14.62
C TRP A 236 20.82 5.79 -14.00
N ALA A 237 21.87 5.42 -14.75
CA ALA A 237 22.95 4.61 -14.17
C ALA A 237 23.67 5.33 -13.01
N LEU A 238 24.07 6.56 -13.30
CA LEU A 238 24.81 7.40 -12.30
C LEU A 238 23.98 7.73 -11.06
N SER A 239 22.67 7.99 -11.27
CA SER A 239 21.78 8.18 -10.16
C SER A 239 21.66 6.95 -9.28
N ASN A 240 21.58 5.76 -9.91
CA ASN A 240 21.60 4.54 -9.11
C ASN A 240 22.86 4.39 -8.30
N ILE A 241 24.02 4.64 -8.92
CA ILE A 241 25.28 4.60 -8.19
C ILE A 241 25.26 5.59 -6.98
N ALA A 242 24.72 6.78 -7.19
CA ALA A 242 24.64 7.82 -6.14
C ALA A 242 23.70 7.47 -5.01
N SER A 243 22.89 6.44 -5.19
CA SER A 243 22.02 5.95 -4.14
C SER A 243 22.72 5.05 -3.21
N GLY A 244 24.02 4.79 -3.42
CA GLY A 244 24.80 3.94 -2.52
C GLY A 244 25.21 4.68 -1.24
N GLY A 245 26.20 4.13 -0.54
CA GLY A 245 26.69 4.70 0.72
C GLY A 245 27.61 5.87 0.45
N ASN A 246 28.18 6.40 1.50
CA ASN A 246 29.07 7.53 1.36
C ASN A 246 30.31 7.23 0.52
N GLU A 247 30.80 6.01 0.55
CA GLU A 247 32.01 5.69 -0.25
C GLU A 247 31.62 5.81 -1.73
N GLN A 248 30.44 5.33 -2.04
CA GLN A 248 29.96 5.34 -3.44
C GLN A 248 29.69 6.77 -3.89
N LYS A 249 29.05 7.57 -3.02
CA LYS A 249 28.79 9.01 -3.33
C LYS A 249 30.07 9.80 -3.57
N GLN A 250 31.03 9.56 -2.73
CA GLN A 250 32.31 10.20 -2.86
C GLN A 250 32.96 9.86 -4.20
N ALA A 251 32.89 8.58 -4.64
CA ALA A 251 33.53 8.22 -5.89
C ALA A 251 32.86 9.01 -7.05
N VAL A 252 31.51 9.14 -6.99
CA VAL A 252 30.73 9.89 -8.01
C VAL A 252 31.23 11.37 -8.05
N LYS A 253 31.37 11.99 -6.86
CA LYS A 253 31.86 13.36 -6.77
C LYS A 253 33.27 13.47 -7.30
N GLU A 254 34.08 12.49 -6.98
CA GLU A 254 35.52 12.57 -7.42
C GLU A 254 35.65 12.47 -8.94
N ALA A 255 34.69 11.83 -9.55
CA ALA A 255 34.69 11.70 -11.01
C ALA A 255 34.22 12.94 -11.76
N GLY A 256 33.78 14.01 -11.06
CA GLY A 256 33.35 15.27 -11.71
C GLY A 256 31.89 15.31 -12.03
N ALA A 257 31.08 14.46 -11.37
CA ALA A 257 29.67 14.46 -11.77
C ALA A 257 28.90 15.71 -11.34
N LEU A 258 29.28 16.30 -10.21
CA LEU A 258 28.44 17.42 -9.67
C LEU A 258 28.27 18.59 -10.64
N GLU A 259 29.36 18.98 -11.28
CA GLU A 259 29.31 20.13 -12.17
C GLU A 259 28.38 19.90 -13.40
N LYS A 260 28.42 18.67 -13.89
CA LYS A 260 27.52 18.33 -15.00
C LYS A 260 26.08 18.25 -14.59
N LEU A 261 25.82 17.63 -13.42
CA LEU A 261 24.50 17.52 -12.96
C LEU A 261 23.87 18.89 -12.72
N GLU A 262 24.67 19.81 -12.19
CA GLU A 262 24.16 21.20 -11.91
C GLU A 262 23.69 21.86 -13.23
N GLN A 263 24.51 21.67 -14.28
CA GLN A 263 24.16 22.10 -15.60
C GLN A 263 22.87 21.48 -16.12
N LEU A 264 22.65 20.20 -15.84
CA LEU A 264 21.45 19.48 -16.38
C LEU A 264 20.12 19.85 -15.66
N GLN A 265 20.22 20.56 -14.55
CA GLN A 265 19.02 20.94 -13.75
C GLN A 265 18.02 21.78 -14.41
N SER A 266 18.48 22.47 -15.42
CA SER A 266 17.60 23.30 -16.16
C SER A 266 17.35 22.70 -17.56
N HIS A 267 17.61 21.40 -17.78
CA HIS A 267 17.49 20.84 -19.13
C HIS A 267 16.02 20.95 -19.61
N GLU A 268 15.82 21.18 -20.89
CA GLU A 268 14.42 21.32 -21.39
C GLU A 268 13.63 20.06 -21.38
N ASN A 269 14.29 18.91 -21.38
CA ASN A 269 13.62 17.64 -21.31
C ASN A 269 13.32 17.42 -19.85
N GLU A 270 12.06 17.20 -19.56
CA GLU A 270 11.59 17.08 -18.18
C GLU A 270 12.08 15.80 -17.50
N LYS A 271 12.16 14.69 -18.23
CA LYS A 271 12.64 13.44 -17.64
C LYS A 271 14.12 13.55 -17.25
N ILE A 272 14.86 14.20 -18.12
CA ILE A 272 16.30 14.51 -17.86
C ILE A 272 16.39 15.40 -16.66
N GLN A 273 15.62 16.52 -16.65
CA GLN A 273 15.80 17.48 -15.61
C GLN A 273 15.53 16.84 -14.26
N LYS A 274 14.47 16.04 -14.18
CA LYS A 274 14.01 15.44 -12.93
C LYS A 274 15.08 14.44 -12.37
N GLU A 275 15.65 13.59 -13.25
CA GLU A 275 16.61 12.65 -12.79
C GLU A 275 17.87 13.37 -12.41
N ALA A 276 18.24 14.42 -13.11
CA ALA A 276 19.47 15.20 -12.70
C ALA A 276 19.30 15.87 -11.33
N GLN A 277 18.13 16.43 -11.13
CA GLN A 277 17.77 17.01 -9.78
C GLN A 277 17.84 15.98 -8.63
N GLU A 278 17.26 14.85 -8.91
CA GLU A 278 17.22 13.74 -7.97
C GLU A 278 18.65 13.27 -7.71
N ALA A 279 19.48 13.16 -8.74
CA ALA A 279 20.85 12.71 -8.55
C ALA A 279 21.66 13.70 -7.71
N LEU A 280 21.50 14.97 -8.06
CA LEU A 280 22.18 16.03 -7.38
C LEU A 280 21.81 16.11 -5.90
N GLU A 281 20.55 15.85 -5.55
CA GLU A 281 20.14 15.80 -4.16
C GLU A 281 20.71 14.62 -3.38
N LYS A 282 20.77 13.44 -4.02
CA LYS A 282 21.39 12.26 -3.41
C LYS A 282 22.81 12.55 -3.00
N LEU A 283 23.50 13.40 -3.77
CA LEU A 283 24.92 13.68 -3.53
C LEU A 283 25.13 14.96 -2.54
N GLN A 284 24.03 15.57 -2.06
CA GLN A 284 23.97 16.73 -1.08
C GLN A 284 24.68 18.01 -1.53
N SER B 4 17.83 18.66 -0.31
CA SER B 4 17.14 17.47 0.25
C SER B 4 17.36 17.27 1.79
N GLU B 5 16.22 17.17 2.44
CA GLU B 5 16.16 17.00 3.88
C GLU B 5 16.00 15.50 4.32
N LEU B 6 15.93 14.54 3.38
CA LEU B 6 15.78 13.17 3.69
C LEU B 6 16.89 12.63 4.58
N PRO B 7 18.17 12.90 4.28
CA PRO B 7 19.18 12.34 5.15
C PRO B 7 19.00 12.75 6.61
N GLN B 8 18.60 14.00 6.81
CA GLN B 8 18.46 14.53 8.18
C GLN B 8 17.29 13.81 8.82
N MET B 9 16.19 13.70 8.11
CA MET B 9 15.04 12.86 8.65
C MET B 9 15.39 11.43 8.96
N VAL B 10 16.25 10.80 8.12
CA VAL B 10 16.68 9.44 8.45
C VAL B 10 17.50 9.42 9.64
N GLN B 11 18.39 10.39 9.83
CA GLN B 11 19.17 10.42 11.06
C GLN B 11 18.25 10.56 12.28
N GLN B 12 17.21 11.35 12.17
CA GLN B 12 16.35 11.60 13.34
C GLN B 12 15.49 10.36 13.70
N LEU B 13 15.48 9.32 12.87
CA LEU B 13 14.87 8.07 13.28
C LEU B 13 15.59 7.41 14.44
N ASN B 14 16.85 7.75 14.66
CA ASN B 14 17.60 7.33 15.80
C ASN B 14 17.68 8.34 16.95
N SER B 15 16.96 9.48 16.82
CA SER B 15 17.06 10.47 17.85
C SER B 15 16.37 9.95 19.16
N PRO B 16 16.98 10.20 20.30
CA PRO B 16 16.33 9.93 21.54
C PRO B 16 15.41 11.07 21.97
N ASP B 17 15.41 12.16 21.21
CA ASP B 17 14.52 13.29 21.43
C ASP B 17 13.21 12.94 20.71
N GLN B 18 12.19 12.56 21.49
CA GLN B 18 10.93 12.07 20.93
C GLN B 18 10.24 13.13 20.10
N GLN B 19 10.45 14.42 20.42
CA GLN B 19 9.89 15.47 19.47
C GLN B 19 10.50 15.40 18.10
N GLU B 20 11.83 15.27 18.05
CA GLU B 20 12.49 15.19 16.75
C GLU B 20 12.12 13.89 16.04
N LEU B 21 12.02 12.78 16.79
CA LEU B 21 11.70 11.52 16.18
C LEU B 21 10.30 11.59 15.61
N GLN B 22 9.35 12.10 16.37
CA GLN B 22 7.96 12.09 15.85
C GLN B 22 7.81 12.95 14.63
N SER B 23 8.44 14.12 14.63
N SER B 23 8.44 14.13 14.62
CA SER B 23 8.42 15.01 13.50
CA SER B 23 8.41 14.99 13.45
C SER B 23 8.96 14.28 12.25
C SER B 23 8.94 14.26 12.23
N ALA B 24 10.07 13.58 12.39
CA ALA B 24 10.66 12.82 11.26
C ALA B 24 9.77 11.70 10.82
N LEU B 25 9.15 10.96 11.76
CA LEU B 25 8.25 9.86 11.35
C LEU B 25 7.06 10.36 10.57
N ARG B 26 6.49 11.46 11.03
CA ARG B 26 5.35 12.04 10.34
C ARG B 26 5.67 12.57 8.98
N LYS B 27 6.84 13.18 8.84
CA LYS B 27 7.27 13.64 7.50
C LYS B 27 7.55 12.48 6.58
N LEU B 28 8.26 11.48 7.04
CA LEU B 28 8.57 10.33 6.26
C LEU B 28 7.35 9.60 5.80
N SER B 29 6.36 9.45 6.69
CA SER B 29 5.24 8.65 6.36
C SER B 29 4.48 9.37 5.24
N GLN B 30 4.42 10.69 5.31
CA GLN B 30 3.71 11.42 4.29
C GLN B 30 4.49 11.54 2.94
N ILE B 31 5.79 11.63 2.99
CA ILE B 31 6.57 11.52 1.77
C ILE B 31 6.30 10.16 1.11
N ALA B 32 6.28 9.07 1.86
CA ALA B 32 6.10 7.76 1.31
C ALA B 32 4.71 7.52 0.73
N SER B 33 3.71 8.43 1.02
CA SER B 33 2.39 8.34 0.51
C SER B 33 2.30 9.07 -0.85
N GLY B 34 3.37 9.65 -1.34
CA GLY B 34 3.32 10.44 -2.55
C GLY B 34 3.76 9.79 -3.83
N GLY B 35 3.77 8.47 -3.91
CA GLY B 35 4.10 7.79 -5.18
C GLY B 35 5.40 7.05 -5.13
N ASN B 36 5.65 6.22 -6.13
CA ASN B 36 6.77 5.30 -6.04
C ASN B 36 8.12 5.98 -6.12
N GLU B 37 8.19 7.13 -6.77
CA GLU B 37 9.46 7.84 -6.82
C GLU B 37 9.84 8.39 -5.44
N GLN B 38 8.84 8.89 -4.73
CA GLN B 38 9.05 9.33 -3.37
C GLN B 38 9.37 8.18 -2.43
N ILE B 39 8.69 7.07 -2.58
CA ILE B 39 9.08 5.87 -1.83
C ILE B 39 10.56 5.47 -2.08
N GLN B 40 10.98 5.46 -3.33
CA GLN B 40 12.35 5.07 -3.61
C GLN B 40 13.37 6.00 -2.95
N ALA B 41 13.11 7.30 -2.98
CA ALA B 41 14.01 8.25 -2.33
C ALA B 41 14.16 7.86 -0.84
N VAL B 42 13.04 7.51 -0.18
CA VAL B 42 13.09 7.14 1.29
C VAL B 42 13.92 5.80 1.46
N ILE B 43 13.70 4.82 0.57
CA ILE B 43 14.44 3.59 0.67
C ILE B 43 15.96 3.91 0.40
N ASP B 44 16.25 4.68 -0.63
CA ASP B 44 17.64 4.94 -0.98
C ASP B 44 18.34 5.76 0.10
N ALA B 45 17.60 6.57 0.90
CA ALA B 45 18.18 7.32 2.00
C ALA B 45 18.49 6.41 3.21
N GLY B 46 18.13 5.16 3.15
CA GLY B 46 18.55 4.21 4.18
C GLY B 46 17.54 4.21 5.37
N ALA B 47 16.29 4.60 5.17
CA ALA B 47 15.32 4.70 6.29
C ALA B 47 14.97 3.33 6.94
N LEU B 48 14.95 2.30 6.10
CA LEU B 48 14.29 1.09 6.50
C LEU B 48 14.79 0.42 7.81
N PRO B 49 16.08 0.23 7.97
CA PRO B 49 16.52 -0.52 9.24
C PRO B 49 16.03 0.17 10.51
N ALA B 50 16.25 1.48 10.60
CA ALA B 50 15.82 2.22 11.78
C ALA B 50 14.35 2.28 11.95
N LEU B 51 13.59 2.30 10.85
N LEU B 51 13.63 2.30 10.86
CA LEU B 51 12.08 2.25 10.91
CA LEU B 51 12.19 2.28 10.95
C LEU B 51 11.64 0.92 11.44
C LEU B 51 11.66 0.93 11.41
N VAL B 52 12.23 -0.15 10.89
CA VAL B 52 11.87 -1.49 11.35
C VAL B 52 12.18 -1.70 12.81
N GLN B 53 13.28 -1.19 13.32
CA GLN B 53 13.63 -1.25 14.75
C GLN B 53 12.55 -0.73 15.61
N LEU B 54 11.87 0.33 15.11
CA LEU B 54 10.82 0.96 15.86
C LEU B 54 9.59 0.08 16.05
N LEU B 55 9.43 -1.00 15.27
CA LEU B 55 8.32 -1.93 15.51
C LEU B 55 8.36 -2.62 16.84
N SER B 56 9.49 -2.61 17.52
N SER B 56 9.51 -2.62 17.52
CA SER B 56 9.57 -3.21 18.85
CA SER B 56 9.63 -3.22 18.84
C SER B 56 9.25 -2.20 20.00
C SER B 56 9.19 -2.22 19.99
N SER B 57 9.03 -0.94 19.60
CA SER B 57 8.88 0.13 20.61
C SER B 57 7.65 -0.17 21.48
N PRO B 58 7.76 0.12 22.77
CA PRO B 58 6.58 0.07 23.62
C PRO B 58 5.84 1.42 23.60
N ASN B 59 6.27 2.35 22.77
CA ASN B 59 5.69 3.67 22.70
C ASN B 59 4.64 3.63 21.55
N GLU B 60 3.35 3.60 21.94
CA GLU B 60 2.27 3.48 20.97
C GLU B 60 2.19 4.64 19.94
N GLN B 61 2.66 5.81 20.33
CA GLN B 61 2.69 6.92 19.42
C GLN B 61 3.72 6.71 18.29
N ILE B 62 4.93 6.40 18.69
CA ILE B 62 5.97 6.03 17.72
C ILE B 62 5.53 4.84 16.86
N LEU B 63 4.99 3.76 17.47
N LEU B 63 4.99 3.78 17.48
CA LEU B 63 4.67 2.59 16.76
CA LEU B 63 4.63 2.57 16.74
C LEU B 63 3.59 2.88 15.65
C LEU B 63 3.59 2.87 15.65
N GLN B 64 2.56 3.62 16.00
CA GLN B 64 1.49 3.97 15.02
C GLN B 64 2.10 4.69 13.86
N GLU B 65 2.98 5.66 14.04
CA GLU B 65 3.48 6.41 12.91
C GLU B 65 4.54 5.63 12.14
N ALA B 66 5.31 4.78 12.81
CA ALA B 66 6.26 3.87 12.11
C ALA B 66 5.47 2.93 11.21
N LEU B 67 4.37 2.40 11.70
CA LEU B 67 3.45 1.54 10.90
C LEU B 67 2.89 2.27 9.69
N TRP B 68 2.49 3.51 9.90
CA TRP B 68 2.06 4.28 8.73
C TRP B 68 3.17 4.37 7.66
N ALA B 69 4.40 4.73 8.07
CA ALA B 69 5.48 4.87 7.12
C ALA B 69 5.75 3.54 6.36
N LEU B 70 5.77 2.42 7.09
CA LEU B 70 6.00 1.13 6.49
C LEU B 70 4.85 0.73 5.50
N SER B 71 3.63 1.01 5.91
CA SER B 71 2.45 0.72 5.10
C SER B 71 2.59 1.53 3.80
N ASN B 72 2.97 2.78 3.91
CA ASN B 72 3.04 3.64 2.70
C ASN B 72 4.21 3.20 1.82
N ILE B 73 5.35 2.84 2.38
CA ILE B 73 6.45 2.28 1.56
C ILE B 73 5.94 0.98 0.84
N ALA B 74 5.18 0.15 1.54
CA ALA B 74 4.62 -1.03 0.97
C ALA B 74 3.43 -0.84 0.02
N SER B 75 3.02 0.41 -0.21
CA SER B 75 2.07 0.67 -1.28
C SER B 75 2.79 0.91 -2.62
N GLY B 76 4.08 0.74 -2.66
CA GLY B 76 4.87 0.91 -3.87
C GLY B 76 4.98 -0.31 -4.71
N GLY B 77 5.97 -0.30 -5.61
CA GLY B 77 6.19 -1.42 -6.52
C GLY B 77 6.57 -2.70 -5.77
N ASN B 78 6.47 -3.84 -6.47
CA ASN B 78 6.82 -5.06 -5.89
C ASN B 78 8.23 -5.13 -5.28
N GLU B 79 9.23 -4.54 -5.93
CA GLU B 79 10.56 -4.49 -5.34
C GLU B 79 10.72 -3.55 -4.17
N GLN B 80 9.85 -2.55 -4.07
CA GLN B 80 9.80 -1.68 -2.90
C GLN B 80 9.20 -2.39 -1.66
N ILE B 81 8.13 -3.17 -1.95
CA ILE B 81 7.63 -4.05 -0.94
C ILE B 81 8.72 -5.08 -0.48
N GLN B 82 9.45 -5.57 -1.44
CA GLN B 82 10.53 -6.53 -1.12
C GLN B 82 11.57 -5.91 -0.26
N ALA B 83 11.79 -4.62 -0.44
CA ALA B 83 12.79 -3.96 0.41
C ALA B 83 12.35 -3.89 1.89
N VAL B 84 11.04 -3.68 2.09
CA VAL B 84 10.47 -3.78 3.48
C VAL B 84 10.61 -5.20 4.08
N ILE B 85 10.36 -6.24 3.25
CA ILE B 85 10.54 -7.61 3.71
C ILE B 85 12.05 -7.88 4.02
N ASP B 86 12.91 -7.42 3.14
CA ASP B 86 14.36 -7.62 3.31
C ASP B 86 14.86 -6.91 4.54
N ALA B 87 14.26 -5.80 4.95
CA ALA B 87 14.77 -5.06 6.15
C ALA B 87 14.21 -5.74 7.42
N GLY B 88 13.33 -6.75 7.29
CA GLY B 88 12.96 -7.58 8.46
C GLY B 88 11.62 -7.26 9.05
N ALA B 89 10.74 -6.59 8.36
CA ALA B 89 9.52 -6.22 9.03
C ALA B 89 8.51 -7.32 9.38
N LEU B 90 8.54 -8.43 8.69
CA LEU B 90 7.45 -9.40 8.80
C LEU B 90 7.31 -10.02 10.17
N PRO B 91 8.41 -10.50 10.80
CA PRO B 91 8.15 -11.15 12.10
C PRO B 91 7.59 -10.24 13.15
N ALA B 92 7.96 -8.98 13.11
CA ALA B 92 7.37 -8.06 14.06
C ALA B 92 5.91 -7.74 13.74
N LEU B 93 5.59 -7.55 12.46
CA LEU B 93 4.20 -7.25 12.06
C LEU B 93 3.32 -8.40 12.49
N VAL B 94 3.77 -9.64 12.22
CA VAL B 94 2.96 -10.81 12.54
C VAL B 94 2.73 -10.89 14.05
N GLN B 95 3.74 -10.61 14.83
CA GLN B 95 3.51 -10.65 16.28
C GLN B 95 2.53 -9.52 16.74
N LEU B 96 2.56 -8.37 16.09
CA LEU B 96 1.59 -7.31 16.40
C LEU B 96 0.14 -7.71 16.11
N LEU B 97 -0.12 -8.80 15.36
CA LEU B 97 -1.47 -9.26 15.23
C LEU B 97 -2.12 -9.73 16.52
N SER B 98 -1.32 -10.00 17.55
N SER B 98 -1.34 -9.97 17.55
CA SER B 98 -1.85 -10.34 18.87
CA SER B 98 -1.89 -10.31 18.87
C SER B 98 -1.96 -9.14 19.80
C SER B 98 -2.04 -9.12 19.78
N SER B 99 -1.78 -7.93 19.30
CA SER B 99 -1.90 -6.74 20.17
C SER B 99 -3.37 -6.54 20.64
N PRO B 100 -3.53 -6.28 21.94
CA PRO B 100 -4.87 -5.91 22.48
C PRO B 100 -5.19 -4.44 22.19
N ASN B 101 -4.24 -3.71 21.53
CA ASN B 101 -4.48 -2.34 21.16
C ASN B 101 -5.05 -2.27 19.76
N GLU B 102 -6.33 -1.87 19.65
CA GLU B 102 -6.96 -1.94 18.34
C GLU B 102 -6.37 -1.02 17.35
N GLN B 103 -5.86 0.16 17.76
CA GLN B 103 -5.16 1.00 16.83
C GLN B 103 -3.92 0.32 16.21
N ILE B 104 -3.09 -0.26 17.05
CA ILE B 104 -1.89 -0.95 16.59
C ILE B 104 -2.24 -2.14 15.73
N LEU B 105 -3.22 -2.94 16.17
CA LEU B 105 -3.68 -4.03 15.36
C LEU B 105 -4.20 -3.61 13.99
N GLN B 106 -5.01 -2.55 13.91
CA GLN B 106 -5.44 -2.05 12.67
C GLN B 106 -4.28 -1.66 11.78
N GLU B 107 -3.32 -0.95 12.39
CA GLU B 107 -2.18 -0.43 11.59
C GLU B 107 -1.24 -1.56 11.13
N ALA B 108 -1.05 -2.57 11.96
CA ALA B 108 -0.24 -3.72 11.59
C ALA B 108 -0.90 -4.50 10.46
N LEU B 109 -2.24 -4.57 10.49
CA LEU B 109 -2.96 -5.26 9.42
C LEU B 109 -2.85 -4.53 8.08
N TRP B 110 -2.98 -3.21 8.05
CA TRP B 110 -2.80 -2.54 6.82
C TRP B 110 -1.40 -2.83 6.26
N ALA B 111 -0.37 -2.79 7.11
CA ALA B 111 1.00 -2.95 6.59
C ALA B 111 1.17 -4.34 5.97
N LEU B 112 0.67 -5.37 6.70
N LEU B 112 0.69 -5.35 6.70
CA LEU B 112 0.74 -6.74 6.18
CA LEU B 112 0.79 -6.69 6.22
C LEU B 112 -0.08 -6.94 4.93
C LEU B 112 -0.09 -6.95 4.97
N SER B 113 -1.28 -6.35 4.92
CA SER B 113 -2.11 -6.41 3.72
C SER B 113 -1.43 -5.77 2.50
N ASN B 114 -0.75 -4.60 2.69
CA ASN B 114 -0.02 -4.01 1.63
C ASN B 114 1.14 -4.88 1.15
N ILE B 115 1.84 -5.50 2.07
CA ILE B 115 2.94 -6.37 1.67
C ILE B 115 2.41 -7.54 0.85
N ALA B 116 1.26 -8.07 1.23
CA ALA B 116 0.63 -9.15 0.53
C ALA B 116 -0.01 -8.72 -0.82
N SER B 117 -0.04 -7.44 -1.10
CA SER B 117 -0.52 -6.88 -2.36
C SER B 117 0.63 -6.94 -3.42
N GLY B 118 1.82 -7.46 -3.02
CA GLY B 118 2.89 -7.58 -3.94
C GLY B 118 2.76 -8.77 -4.87
N GLY B 119 3.87 -9.18 -5.50
CA GLY B 119 3.86 -10.35 -6.31
C GLY B 119 4.09 -11.61 -5.49
N ASN B 120 4.26 -12.77 -6.18
CA ASN B 120 4.21 -14.01 -5.45
C ASN B 120 5.39 -14.21 -4.48
N GLU B 121 6.58 -13.61 -4.79
CA GLU B 121 7.69 -13.67 -3.80
C GLU B 121 7.34 -12.95 -2.49
N GLN B 122 6.67 -11.84 -2.65
CA GLN B 122 6.26 -11.02 -1.48
C GLN B 122 5.15 -11.74 -0.68
N ILE B 123 4.14 -12.26 -1.40
CA ILE B 123 3.09 -13.00 -0.74
C ILE B 123 3.66 -14.23 -0.02
N GLN B 124 4.56 -14.95 -0.66
CA GLN B 124 5.07 -16.12 0.00
C GLN B 124 5.84 -15.78 1.26
N ALA B 125 6.53 -14.64 1.26
CA ALA B 125 7.21 -14.21 2.49
C ALA B 125 6.19 -14.03 3.64
N VAL B 126 5.04 -13.47 3.36
CA VAL B 126 3.97 -13.28 4.38
C VAL B 126 3.45 -14.64 4.87
N ILE B 127 3.25 -15.60 3.98
CA ILE B 127 2.81 -16.92 4.32
C ILE B 127 3.93 -17.58 5.17
N ASP B 128 5.15 -17.45 4.75
CA ASP B 128 6.29 -18.09 5.52
C ASP B 128 6.54 -17.46 6.86
N ALA B 129 6.09 -16.20 7.07
CA ALA B 129 6.19 -15.55 8.38
C ALA B 129 5.07 -16.02 9.30
N GLY B 130 4.19 -16.93 8.84
CA GLY B 130 3.18 -17.49 9.72
C GLY B 130 1.99 -16.56 9.94
N ALA B 131 1.64 -15.70 8.98
CA ALA B 131 0.52 -14.78 9.21
C ALA B 131 -0.83 -15.46 9.14
N LEU B 132 -0.94 -16.51 8.36
CA LEU B 132 -2.27 -17.07 8.04
C LEU B 132 -3.10 -17.46 9.25
N PRO B 133 -2.50 -18.16 10.25
CA PRO B 133 -3.42 -18.61 11.36
C PRO B 133 -4.04 -17.50 12.14
N ALA B 134 -3.30 -16.42 12.30
CA ALA B 134 -3.84 -15.25 12.98
C ALA B 134 -4.90 -14.54 12.15
N LEU B 135 -4.64 -14.45 10.85
CA LEU B 135 -5.57 -13.82 9.94
C LEU B 135 -6.92 -14.62 9.90
N VAL B 136 -6.83 -15.91 9.87
CA VAL B 136 -8.04 -16.74 9.88
C VAL B 136 -8.80 -16.59 11.16
N GLN B 137 -8.11 -16.55 12.31
CA GLN B 137 -8.79 -16.36 13.59
C GLN B 137 -9.50 -14.99 13.73
N LEU B 138 -8.92 -13.98 13.09
CA LEU B 138 -9.56 -12.60 13.00
C LEU B 138 -10.81 -12.59 12.21
N LEU B 139 -11.10 -13.61 11.42
CA LEU B 139 -12.38 -13.69 10.72
C LEU B 139 -13.53 -13.87 11.73
N SER B 140 -13.24 -14.31 12.96
CA SER B 140 -14.23 -14.32 14.05
C SER B 140 -14.38 -12.99 14.82
N SER B 141 -13.65 -11.94 14.49
CA SER B 141 -13.65 -10.75 15.29
C SER B 141 -15.06 -10.15 15.26
N PRO B 142 -15.53 -9.67 16.40
CA PRO B 142 -16.72 -8.85 16.44
C PRO B 142 -16.47 -7.35 16.05
N ASN B 143 -15.21 -6.99 15.81
CA ASN B 143 -14.80 -5.65 15.45
C ASN B 143 -14.75 -5.55 13.90
N GLU B 144 -15.75 -4.87 13.35
CA GLU B 144 -15.87 -4.84 11.87
C GLU B 144 -14.72 -4.18 11.15
N GLN B 145 -14.08 -3.27 11.80
CA GLN B 145 -12.86 -2.61 11.22
C GLN B 145 -11.77 -3.62 11.06
N ILE B 146 -11.48 -4.34 12.13
CA ILE B 146 -10.49 -5.40 12.08
C ILE B 146 -10.88 -6.52 11.09
N LEU B 147 -12.14 -6.94 11.11
CA LEU B 147 -12.59 -7.98 10.24
C LEU B 147 -12.37 -7.58 8.77
N GLN B 148 -12.71 -6.35 8.42
CA GLN B 148 -12.55 -5.89 7.06
C GLN B 148 -11.05 -6.02 6.69
N GLU B 149 -10.20 -5.51 7.56
CA GLU B 149 -8.79 -5.54 7.24
C GLU B 149 -8.20 -6.95 7.13
N ALA B 150 -8.59 -7.88 8.00
CA ALA B 150 -8.24 -9.30 7.85
C ALA B 150 -8.66 -9.85 6.51
N LEU B 151 -9.86 -9.46 6.04
CA LEU B 151 -10.29 -9.89 4.76
C LEU B 151 -9.45 -9.31 3.64
N TRP B 152 -9.05 -8.05 3.74
CA TRP B 152 -8.19 -7.46 2.71
C TRP B 152 -6.89 -8.28 2.65
N ALA B 153 -6.32 -8.58 3.80
CA ALA B 153 -5.02 -9.27 3.82
C ALA B 153 -5.14 -10.69 3.23
N LEU B 154 -6.20 -11.39 3.61
CA LEU B 154 -6.44 -12.72 3.06
C LEU B 154 -6.69 -12.70 1.58
N SER B 155 -7.51 -11.72 1.14
CA SER B 155 -7.78 -11.55 -0.29
C SER B 155 -6.46 -11.26 -1.09
N ASN B 156 -5.61 -10.38 -0.54
CA ASN B 156 -4.28 -10.15 -1.19
C ASN B 156 -3.37 -11.39 -1.24
N ILE B 157 -3.37 -12.14 -0.15
CA ILE B 157 -2.63 -13.39 -0.23
C ILE B 157 -3.18 -14.30 -1.33
N ALA B 158 -4.50 -14.39 -1.42
CA ALA B 158 -5.13 -15.23 -2.42
C ALA B 158 -5.12 -14.65 -3.83
N SER B 159 -4.52 -13.47 -3.99
CA SER B 159 -4.25 -12.90 -5.35
C SER B 159 -3.02 -13.49 -6.02
N GLY B 160 -2.28 -14.40 -5.33
CA GLY B 160 -1.05 -14.98 -5.81
C GLY B 160 -1.26 -16.15 -6.74
N GLY B 161 -0.28 -17.02 -6.79
CA GLY B 161 -0.39 -18.21 -7.60
C GLY B 161 -1.05 -19.32 -6.85
N ASN B 162 -1.14 -20.47 -7.52
CA ASN B 162 -1.99 -21.50 -6.96
C ASN B 162 -1.42 -21.99 -5.62
N GLU B 163 -0.09 -22.02 -5.48
CA GLU B 163 0.47 -22.37 -4.17
C GLU B 163 0.08 -21.41 -3.02
N GLN B 164 0.00 -20.15 -3.33
CA GLN B 164 -0.33 -19.13 -2.34
C GLN B 164 -1.82 -19.29 -1.97
N ILE B 165 -2.67 -19.49 -3.00
CA ILE B 165 -4.08 -19.71 -2.80
C ILE B 165 -4.29 -20.96 -1.93
N GLN B 166 -3.57 -22.02 -2.24
CA GLN B 166 -3.72 -23.27 -1.48
C GLN B 166 -3.38 -23.05 -0.03
N ALA B 167 -2.42 -22.20 0.29
CA ALA B 167 -2.08 -21.93 1.67
C ALA B 167 -3.19 -21.28 2.43
N VAL B 168 -3.97 -20.44 1.74
CA VAL B 168 -5.14 -19.86 2.40
C VAL B 168 -6.20 -20.92 2.72
N ILE B 169 -6.42 -21.76 1.71
CA ILE B 169 -7.36 -22.86 1.85
C ILE B 169 -6.90 -23.81 2.98
N ASP B 170 -5.62 -24.19 2.95
CA ASP B 170 -5.07 -25.09 3.99
C ASP B 170 -5.09 -24.48 5.41
N ALA B 171 -5.17 -23.18 5.53
CA ALA B 171 -5.29 -22.53 6.87
C ALA B 171 -6.74 -22.47 7.37
N GLY B 172 -7.70 -22.93 6.57
CA GLY B 172 -9.03 -23.08 7.06
C GLY B 172 -9.87 -21.83 6.88
N ALA B 173 -9.55 -20.99 5.91
CA ALA B 173 -10.33 -19.75 5.72
C ALA B 173 -11.74 -19.98 5.15
N LEU B 174 -11.92 -21.01 4.37
CA LEU B 174 -13.17 -21.16 3.58
C LEU B 174 -14.45 -21.23 4.38
N PRO B 175 -14.46 -21.94 5.50
CA PRO B 175 -15.73 -21.99 6.21
C PRO B 175 -16.23 -20.65 6.74
N ALA B 176 -15.35 -19.82 7.26
CA ALA B 176 -15.68 -18.48 7.73
C ALA B 176 -16.08 -17.63 6.55
N LEU B 177 -15.32 -17.72 5.43
CA LEU B 177 -15.68 -16.93 4.27
C LEU B 177 -17.09 -17.26 3.76
N VAL B 178 -17.39 -18.54 3.70
CA VAL B 178 -18.74 -18.91 3.27
C VAL B 178 -19.84 -18.45 4.23
N GLN B 179 -19.61 -18.57 5.52
CA GLN B 179 -20.60 -18.08 6.50
C GLN B 179 -20.83 -16.51 6.34
N LEU B 180 -19.80 -15.75 5.95
CA LEU B 180 -19.92 -14.32 5.76
C LEU B 180 -20.81 -13.98 4.63
N LEU B 181 -21.06 -14.93 3.74
CA LEU B 181 -21.95 -14.65 2.60
C LEU B 181 -23.44 -14.47 3.03
N SER B 182 -23.77 -14.82 4.25
N SER B 182 -23.75 -14.84 4.23
CA SER B 182 -25.08 -14.49 4.81
CA SER B 182 -25.04 -14.55 4.88
C SER B 182 -25.10 -13.23 5.63
C SER B 182 -25.06 -13.31 5.71
N SER B 183 -23.99 -12.49 5.68
CA SER B 183 -23.94 -11.31 6.45
C SER B 183 -24.90 -10.18 5.93
N PRO B 184 -25.61 -9.53 6.86
CA PRO B 184 -26.39 -8.34 6.47
C PRO B 184 -25.52 -7.07 6.36
N ASN B 185 -24.22 -7.17 6.57
CA ASN B 185 -23.32 -6.07 6.42
C ASN B 185 -22.72 -6.05 5.01
N GLU B 186 -23.22 -5.17 4.17
CA GLU B 186 -22.85 -5.18 2.76
C GLU B 186 -21.35 -5.00 2.52
N GLN B 187 -20.71 -4.23 3.45
CA GLN B 187 -19.25 -3.91 3.29
C GLN B 187 -18.45 -5.21 3.52
N ILE B 188 -18.77 -5.93 4.60
CA ILE B 188 -18.10 -7.17 4.95
C ILE B 188 -18.45 -8.31 3.93
N LEU B 189 -19.70 -8.41 3.51
CA LEU B 189 -20.08 -9.34 2.47
C LEU B 189 -19.24 -9.23 1.20
N GLN B 190 -19.07 -7.98 0.73
CA GLN B 190 -18.28 -7.78 -0.43
C GLN B 190 -16.80 -8.14 -0.30
N GLU B 191 -16.25 -7.88 0.89
CA GLU B 191 -14.85 -8.29 1.14
C GLU B 191 -14.70 -9.82 1.14
N ALA B 192 -15.68 -10.50 1.67
CA ALA B 192 -15.70 -11.95 1.61
C ALA B 192 -15.82 -12.45 0.22
N LEU B 193 -16.67 -11.81 -0.59
CA LEU B 193 -16.78 -12.18 -1.98
C LEU B 193 -15.49 -11.97 -2.79
N TRP B 194 -14.79 -10.85 -2.50
CA TRP B 194 -13.54 -10.61 -3.14
C TRP B 194 -12.53 -11.73 -2.82
N ALA B 195 -12.46 -12.12 -1.56
CA ALA B 195 -11.57 -13.22 -1.16
C ALA B 195 -11.92 -14.51 -1.90
N LEU B 196 -13.20 -14.91 -1.87
CA LEU B 196 -13.60 -16.13 -2.54
C LEU B 196 -13.33 -16.02 -4.05
N SER B 197 -13.59 -14.83 -4.62
N SER B 197 -13.58 -14.84 -4.60
N SER B 197 -13.55 -14.83 -4.61
CA SER B 197 -13.44 -14.63 -6.08
CA SER B 197 -13.43 -14.63 -6.02
CA SER B 197 -13.34 -14.64 -6.04
C SER B 197 -11.95 -14.70 -6.59
C SER B 197 -11.97 -14.72 -6.55
C SER B 197 -11.93 -14.78 -6.56
N ASN B 198 -11.00 -14.35 -5.60
CA ASN B 198 -9.59 -14.57 -5.82
C ASN B 198 -9.26 -16.03 -5.67
N ILE B 199 -9.71 -16.66 -4.58
CA ILE B 199 -9.42 -18.08 -4.38
C ILE B 199 -9.86 -18.90 -5.60
N ALA B 200 -11.00 -18.48 -6.17
CA ALA B 200 -11.54 -19.19 -7.29
C ALA B 200 -10.89 -18.79 -8.63
N SER B 201 -9.90 -17.93 -8.56
CA SER B 201 -9.12 -17.67 -9.75
C SER B 201 -7.96 -18.60 -9.87
N GLY B 202 -7.84 -19.61 -9.00
CA GLY B 202 -6.74 -20.59 -9.11
C GLY B 202 -7.05 -21.71 -10.07
N GLY B 203 -6.40 -22.85 -9.82
CA GLY B 203 -6.62 -24.05 -10.65
C GLY B 203 -7.87 -24.82 -10.13
N ASN B 204 -8.18 -25.87 -10.81
CA ASN B 204 -9.39 -26.58 -10.56
C ASN B 204 -9.48 -27.10 -9.15
N GLU B 205 -8.33 -27.42 -8.55
CA GLU B 205 -8.36 -27.90 -7.18
C GLU B 205 -8.80 -26.77 -6.22
N GLN B 206 -8.37 -25.60 -6.52
CA GLN B 206 -8.69 -24.48 -5.66
C GLN B 206 -10.19 -24.11 -5.87
N ILE B 207 -10.64 -24.11 -7.09
CA ILE B 207 -12.08 -23.90 -7.38
C ILE B 207 -12.95 -24.94 -6.70
N GLN B 208 -12.48 -26.19 -6.80
CA GLN B 208 -13.27 -27.27 -6.14
C GLN B 208 -13.34 -27.19 -4.60
N ALA B 209 -12.32 -26.62 -3.99
CA ALA B 209 -12.38 -26.36 -2.56
C ALA B 209 -13.47 -25.37 -2.19
N VAL B 210 -13.58 -24.29 -2.99
CA VAL B 210 -14.65 -23.31 -2.81
C VAL B 210 -16.06 -23.97 -2.90
N ILE B 211 -16.21 -24.83 -3.90
CA ILE B 211 -17.45 -25.57 -4.07
C ILE B 211 -17.67 -26.50 -2.90
N ASP B 212 -16.67 -27.24 -2.47
CA ASP B 212 -16.85 -28.22 -1.35
C ASP B 212 -17.17 -27.55 -0.04
N ALA B 213 -16.79 -26.28 0.16
CA ALA B 213 -17.09 -25.54 1.36
C ALA B 213 -18.52 -25.04 1.36
N GLY B 214 -19.26 -25.25 0.29
CA GLY B 214 -20.69 -24.87 0.25
C GLY B 214 -20.94 -23.46 -0.23
N ALA B 215 -20.05 -22.89 -1.05
CA ALA B 215 -20.23 -21.52 -1.49
C ALA B 215 -21.39 -21.36 -2.53
N LEU B 216 -21.65 -22.35 -3.35
CA LEU B 216 -22.56 -22.12 -4.46
C LEU B 216 -24.00 -21.75 -4.16
N PRO B 217 -24.63 -22.37 -3.16
CA PRO B 217 -25.97 -21.96 -2.89
C PRO B 217 -26.14 -20.51 -2.44
N ALA B 218 -25.20 -20.04 -1.64
CA ALA B 218 -25.17 -18.64 -1.21
C ALA B 218 -24.91 -17.70 -2.39
N LEU B 219 -23.99 -18.06 -3.30
CA LEU B 219 -23.68 -17.22 -4.41
C LEU B 219 -24.86 -17.15 -5.33
N VAL B 220 -25.51 -18.28 -5.57
CA VAL B 220 -26.71 -18.23 -6.39
C VAL B 220 -27.87 -17.39 -5.79
N GLN B 221 -28.09 -17.46 -4.52
CA GLN B 221 -29.06 -16.62 -3.82
C GLN B 221 -28.74 -15.13 -3.95
N LEU B 222 -27.43 -14.78 -3.92
CA LEU B 222 -27.05 -13.41 -4.07
C LEU B 222 -27.34 -12.81 -5.40
N LEU B 223 -27.51 -13.65 -6.40
CA LEU B 223 -27.84 -13.18 -7.73
C LEU B 223 -29.25 -12.47 -7.79
N SER B 224 -30.04 -12.61 -6.75
N SER B 224 -30.04 -12.61 -6.73
CA SER B 224 -31.32 -11.93 -6.62
CA SER B 224 -31.34 -11.92 -6.58
C SER B 224 -31.19 -10.68 -5.83
C SER B 224 -31.20 -10.62 -5.85
N SER B 225 -29.96 -10.24 -5.48
CA SER B 225 -29.77 -9.00 -4.71
C SER B 225 -30.29 -7.79 -5.51
N PRO B 226 -31.03 -6.86 -4.85
CA PRO B 226 -31.24 -5.51 -5.35
C PRO B 226 -30.05 -4.57 -5.35
N ASN B 227 -28.95 -5.01 -4.75
CA ASN B 227 -27.72 -4.21 -4.63
C ASN B 227 -26.72 -4.62 -5.72
N GLU B 228 -26.59 -3.77 -6.73
CA GLU B 228 -25.75 -4.05 -7.83
C GLU B 228 -24.24 -4.24 -7.53
N GLN B 229 -23.74 -3.63 -6.45
CA GLN B 229 -22.39 -3.87 -5.99
C GLN B 229 -22.17 -5.31 -5.51
N ILE B 230 -23.10 -5.78 -4.67
CA ILE B 230 -23.14 -7.19 -4.23
C ILE B 230 -23.30 -8.13 -5.44
N LEU B 231 -24.25 -7.80 -6.33
CA LEU B 231 -24.55 -8.67 -7.44
C LEU B 231 -23.34 -8.85 -8.33
N GLN B 232 -22.63 -7.72 -8.61
CA GLN B 232 -21.45 -7.77 -9.44
C GLN B 232 -20.32 -8.62 -8.82
N GLU B 233 -20.16 -8.52 -7.51
CA GLU B 233 -19.17 -9.34 -6.84
C GLU B 233 -19.55 -10.82 -6.84
N ALA B 234 -20.80 -11.14 -6.65
CA ALA B 234 -21.25 -12.57 -6.65
C ALA B 234 -21.13 -13.16 -8.02
N LEU B 235 -21.44 -12.35 -9.02
CA LEU B 235 -21.27 -12.78 -10.42
C LEU B 235 -19.78 -13.01 -10.74
N TRP B 236 -18.90 -12.12 -10.30
N TRP B 236 -18.89 -12.13 -10.30
CA TRP B 236 -17.45 -12.30 -10.51
CA TRP B 236 -17.43 -12.33 -10.52
C TRP B 236 -16.98 -13.62 -9.88
C TRP B 236 -16.98 -13.63 -9.88
N ALA B 237 -17.45 -13.90 -8.66
CA ALA B 237 -17.03 -15.14 -8.01
C ALA B 237 -17.55 -16.32 -8.84
N LEU B 238 -18.84 -16.31 -9.17
CA LEU B 238 -19.38 -17.44 -9.98
C LEU B 238 -18.73 -17.64 -11.33
N SER B 239 -18.39 -16.55 -11.98
CA SER B 239 -17.75 -16.57 -13.23
C SER B 239 -16.32 -17.17 -13.16
N ASN B 240 -15.56 -16.87 -12.09
CA ASN B 240 -14.34 -17.55 -11.84
C ASN B 240 -14.51 -19.07 -11.65
N ILE B 241 -15.53 -19.45 -10.90
CA ILE B 241 -15.79 -20.87 -10.68
C ILE B 241 -16.10 -21.55 -11.99
N ALA B 242 -16.96 -20.90 -12.76
CA ALA B 242 -17.32 -21.42 -14.08
C ALA B 242 -16.15 -21.54 -15.06
N SER B 243 -14.99 -20.91 -14.82
CA SER B 243 -13.81 -21.05 -15.57
C SER B 243 -13.08 -22.32 -15.30
N GLY B 244 -13.54 -23.15 -14.37
CA GLY B 244 -12.86 -24.38 -14.06
C GLY B 244 -13.17 -25.46 -15.08
N GLY B 245 -12.86 -26.70 -14.74
CA GLY B 245 -13.16 -27.84 -15.62
C GLY B 245 -14.59 -28.33 -15.51
N ASN B 246 -14.89 -29.42 -16.19
CA ASN B 246 -16.26 -29.82 -16.32
C ASN B 246 -16.92 -30.17 -15.02
N GLU B 247 -16.18 -30.69 -14.08
CA GLU B 247 -16.73 -31.05 -12.80
C GLU B 247 -17.18 -29.77 -12.05
N GLN B 248 -16.40 -28.71 -12.22
CA GLN B 248 -16.75 -27.42 -11.58
C GLN B 248 -17.97 -26.78 -12.26
N LYS B 249 -18.01 -26.80 -13.60
CA LYS B 249 -19.14 -26.26 -14.35
C LYS B 249 -20.44 -26.98 -14.02
N GLN B 250 -20.37 -28.30 -13.90
CA GLN B 250 -21.51 -29.08 -13.56
C GLN B 250 -22.05 -28.70 -12.15
N ALA B 251 -21.16 -28.51 -11.18
CA ALA B 251 -21.61 -28.13 -9.85
C ALA B 251 -22.42 -26.76 -9.92
N VAL B 252 -21.94 -25.82 -10.73
CA VAL B 252 -22.58 -24.54 -10.90
C VAL B 252 -24.00 -24.72 -11.50
N LYS B 253 -24.10 -25.62 -12.48
CA LYS B 253 -25.40 -25.95 -13.11
C LYS B 253 -26.35 -26.63 -12.15
N GLU B 254 -25.82 -27.52 -11.33
CA GLU B 254 -26.67 -28.19 -10.31
C GLU B 254 -27.14 -27.29 -9.23
N ALA B 255 -26.43 -26.17 -9.02
CA ALA B 255 -26.88 -25.17 -8.06
C ALA B 255 -27.91 -24.19 -8.56
N GLY B 256 -28.32 -24.31 -9.80
CA GLY B 256 -29.41 -23.52 -10.35
C GLY B 256 -28.92 -22.19 -10.92
N ALA B 257 -27.62 -22.06 -11.17
CA ALA B 257 -27.17 -20.80 -11.66
C ALA B 257 -27.66 -20.43 -13.06
N LEU B 258 -27.80 -21.42 -13.96
CA LEU B 258 -28.08 -21.11 -15.38
C LEU B 258 -29.36 -20.29 -15.58
N GLU B 259 -30.41 -20.68 -14.90
CA GLU B 259 -31.68 -19.97 -14.97
C GLU B 259 -31.52 -18.50 -14.52
N LYS B 260 -30.74 -18.29 -13.43
CA LYS B 260 -30.58 -16.92 -12.93
C LYS B 260 -29.75 -16.09 -13.85
N LEU B 261 -28.70 -16.71 -14.41
CA LEU B 261 -27.83 -15.97 -15.26
C LEU B 261 -28.59 -15.53 -16.53
N GLU B 262 -29.45 -16.41 -17.03
CA GLU B 262 -30.26 -16.06 -18.21
C GLU B 262 -31.20 -14.88 -17.92
N GLN B 263 -31.83 -14.88 -16.74
CA GLN B 263 -32.66 -13.80 -16.27
C GLN B 263 -31.90 -12.48 -16.16
N LEU B 264 -30.66 -12.60 -15.70
CA LEU B 264 -29.78 -11.43 -15.52
C LEU B 264 -29.37 -10.74 -16.80
N GLN B 265 -29.50 -11.44 -17.91
CA GLN B 265 -29.24 -10.81 -19.20
C GLN B 265 -30.20 -9.62 -19.50
N SER B 266 -31.30 -9.47 -18.78
CA SER B 266 -32.11 -8.33 -18.91
C SER B 266 -32.15 -7.41 -17.67
N HIS B 267 -31.13 -7.52 -16.85
CA HIS B 267 -30.99 -6.64 -15.71
C HIS B 267 -30.79 -5.20 -16.21
N GLU B 268 -31.21 -4.21 -15.44
CA GLU B 268 -31.06 -2.83 -15.91
C GLU B 268 -29.58 -2.32 -16.00
N ASN B 269 -28.69 -2.90 -15.27
CA ASN B 269 -27.31 -2.47 -15.22
C ASN B 269 -26.58 -3.27 -16.32
N GLU B 270 -26.00 -2.54 -17.24
CA GLU B 270 -25.32 -3.13 -18.39
C GLU B 270 -24.06 -3.92 -18.02
N LYS B 271 -23.30 -3.53 -16.99
CA LYS B 271 -22.17 -4.31 -16.59
C LYS B 271 -22.59 -5.66 -16.06
N ILE B 272 -23.70 -5.67 -15.31
CA ILE B 272 -24.27 -6.94 -14.87
C ILE B 272 -24.73 -7.81 -16.07
N GLN B 273 -25.43 -7.23 -17.01
CA GLN B 273 -25.87 -8.03 -18.16
C GLN B 273 -24.66 -8.72 -18.87
N LYS B 274 -23.62 -7.93 -19.09
CA LYS B 274 -22.39 -8.47 -19.74
C LYS B 274 -21.72 -9.57 -18.97
N GLU B 275 -21.56 -9.40 -17.67
CA GLU B 275 -20.93 -10.40 -16.85
C GLU B 275 -21.81 -11.66 -16.80
N ALA B 276 -23.15 -11.51 -16.74
CA ALA B 276 -23.99 -12.70 -16.73
C ALA B 276 -23.85 -13.47 -18.02
N GLN B 277 -23.83 -12.76 -19.11
CA GLN B 277 -23.66 -13.44 -20.36
C GLN B 277 -22.32 -14.17 -20.46
N GLU B 278 -21.26 -13.52 -20.03
CA GLU B 278 -19.98 -14.10 -20.04
C GLU B 278 -19.92 -15.39 -19.18
N ALA B 279 -20.54 -15.35 -18.02
CA ALA B 279 -20.58 -16.52 -17.15
C ALA B 279 -21.37 -17.66 -17.82
N LEU B 280 -22.46 -17.30 -18.43
CA LEU B 280 -23.26 -18.25 -19.19
C LEU B 280 -22.49 -18.94 -20.30
N GLU B 281 -21.68 -18.18 -21.03
CA GLU B 281 -20.88 -18.74 -22.10
C GLU B 281 -19.81 -19.67 -21.62
N LYS B 282 -19.20 -19.39 -20.48
CA LYS B 282 -18.34 -20.38 -19.89
C LYS B 282 -19.03 -21.68 -19.49
N LEU B 283 -20.26 -21.61 -19.09
CA LEU B 283 -20.96 -22.78 -18.69
C LEU B 283 -21.36 -23.64 -19.81
N GLN B 284 -21.57 -23.06 -20.98
CA GLN B 284 -22.08 -23.78 -22.13
C GLN B 284 -20.98 -24.23 -23.10
N SER B 285 -19.76 -23.74 -22.94
CA SER B 285 -18.59 -24.29 -23.62
C SER B 285 -18.13 -25.59 -22.94
N SER C 4 -17.65 20.11 -12.80
CA SER C 4 -17.77 19.72 -14.26
C SER C 4 -18.48 18.39 -14.47
N GLU C 5 -17.88 17.33 -13.92
CA GLU C 5 -18.67 16.09 -13.72
C GLU C 5 -19.40 16.18 -12.33
N LEU C 6 -19.26 17.27 -11.56
CA LEU C 6 -20.00 17.38 -10.30
C LEU C 6 -21.50 17.21 -10.36
N PRO C 7 -22.20 17.88 -11.27
CA PRO C 7 -23.63 17.73 -11.32
C PRO C 7 -24.08 16.32 -11.55
N GLN C 8 -23.33 15.57 -12.36
CA GLN C 8 -23.67 14.23 -12.63
C GLN C 8 -23.42 13.41 -11.37
N MET C 9 -22.29 13.61 -10.71
CA MET C 9 -22.05 12.96 -9.45
C MET C 9 -23.18 13.23 -8.45
N VAL C 10 -23.58 14.46 -8.33
CA VAL C 10 -24.63 14.80 -7.39
C VAL C 10 -25.95 14.07 -7.74
N GLN C 11 -26.28 13.98 -9.03
CA GLN C 11 -27.43 13.21 -9.41
C GLN C 11 -27.33 11.72 -9.05
N GLN C 12 -26.14 11.17 -9.19
CA GLN C 12 -25.91 9.77 -8.86
C GLN C 12 -26.03 9.45 -7.37
N LEU C 13 -26.04 10.46 -6.52
CA LEU C 13 -26.36 10.28 -5.09
C LEU C 13 -27.81 9.92 -4.85
N ASN C 14 -28.62 10.10 -5.88
CA ASN C 14 -30.03 9.68 -5.85
C ASN C 14 -30.30 8.34 -6.54
N SER C 15 -29.23 7.68 -7.01
CA SER C 15 -29.43 6.56 -7.88
C SER C 15 -29.79 5.28 -7.02
N PRO C 16 -30.78 4.47 -7.43
CA PRO C 16 -30.94 3.13 -6.83
C PRO C 16 -29.94 2.07 -7.31
N ASP C 17 -29.10 2.42 -8.30
CA ASP C 17 -28.07 1.55 -8.78
C ASP C 17 -26.86 1.74 -7.85
N GLN C 18 -26.68 0.78 -6.94
CA GLN C 18 -25.63 0.83 -5.93
C GLN C 18 -24.22 0.99 -6.53
N GLN C 19 -24.00 0.48 -7.69
CA GLN C 19 -22.69 0.76 -8.36
C GLN C 19 -22.50 2.20 -8.71
N GLU C 20 -23.52 2.79 -9.30
CA GLU C 20 -23.46 4.24 -9.60
C GLU C 20 -23.33 5.04 -8.35
N LEU C 21 -24.12 4.71 -7.34
CA LEU C 21 -24.10 5.49 -6.13
C LEU C 21 -22.73 5.40 -5.43
N GLN C 22 -22.13 4.20 -5.37
CA GLN C 22 -20.89 4.07 -4.66
C GLN C 22 -19.78 4.73 -5.42
N SER C 23 -19.81 4.67 -6.75
CA SER C 23 -18.79 5.42 -7.56
C SER C 23 -18.84 6.92 -7.28
N ALA C 24 -20.06 7.48 -7.21
CA ALA C 24 -20.25 8.86 -6.89
C ALA C 24 -19.83 9.20 -5.47
N LEU C 25 -20.15 8.39 -4.50
CA LEU C 25 -19.74 8.68 -3.17
C LEU C 25 -18.21 8.72 -3.04
N ARG C 26 -17.57 7.75 -3.64
CA ARG C 26 -16.09 7.66 -3.58
C ARG C 26 -15.40 8.83 -4.28
N LYS C 27 -15.94 9.27 -5.40
CA LYS C 27 -15.38 10.42 -6.11
C LYS C 27 -15.61 11.68 -5.34
N LEU C 28 -16.80 11.86 -4.80
CA LEU C 28 -17.10 13.04 -4.03
C LEU C 28 -16.29 13.11 -2.75
N SER C 29 -16.13 11.98 -2.03
CA SER C 29 -15.39 12.06 -0.83
C SER C 29 -13.93 12.51 -1.11
N GLN C 30 -13.37 12.09 -2.19
CA GLN C 30 -12.00 12.42 -2.48
C GLN C 30 -11.85 13.82 -3.09
N ILE C 31 -12.82 14.31 -3.84
CA ILE C 31 -12.85 15.72 -4.21
C ILE C 31 -12.85 16.59 -2.96
N ALA C 32 -13.63 16.23 -1.97
CA ALA C 32 -13.85 17.07 -0.76
C ALA C 32 -12.59 17.04 0.16
N SER C 33 -11.64 16.10 -0.09
CA SER C 33 -10.39 16.04 0.61
C SER C 33 -9.35 16.99 0.00
N GLY C 34 -9.66 17.70 -1.07
CA GLY C 34 -8.67 18.46 -1.82
C GLY C 34 -8.64 19.98 -1.56
N GLY C 35 -9.14 20.45 -0.44
CA GLY C 35 -9.07 21.89 -0.16
C GLY C 35 -10.40 22.57 -0.17
N ASN C 36 -10.44 23.75 0.43
CA ASN C 36 -11.69 24.43 0.62
C ASN C 36 -12.39 24.85 -0.64
N GLU C 37 -11.65 25.15 -1.72
CA GLU C 37 -12.29 25.45 -3.00
C GLU C 37 -13.05 24.24 -3.56
N GLN C 38 -12.44 23.10 -3.50
CA GLN C 38 -13.06 21.86 -3.94
C GLN C 38 -14.29 21.53 -3.06
N ILE C 39 -14.17 21.74 -1.75
CA ILE C 39 -15.32 21.57 -0.86
C ILE C 39 -16.47 22.48 -1.27
N GLN C 40 -16.20 23.73 -1.56
CA GLN C 40 -17.21 24.72 -1.89
C GLN C 40 -17.91 24.34 -3.21
N ALA C 41 -17.17 23.76 -4.13
CA ALA C 41 -17.74 23.28 -5.39
C ALA C 41 -18.75 22.13 -5.16
N VAL C 42 -18.38 21.25 -4.25
CA VAL C 42 -19.31 20.15 -3.86
C VAL C 42 -20.58 20.69 -3.18
N ILE C 43 -20.41 21.66 -2.25
CA ILE C 43 -21.54 22.27 -1.56
C ILE C 43 -22.41 23.01 -2.60
N ASP C 44 -21.79 23.80 -3.45
CA ASP C 44 -22.50 24.60 -4.43
C ASP C 44 -23.21 23.75 -5.51
N ALA C 45 -22.74 22.56 -5.79
CA ALA C 45 -23.41 21.61 -6.69
C ALA C 45 -24.62 20.94 -6.03
N GLY C 46 -24.80 21.13 -4.71
CA GLY C 46 -26.07 20.73 -4.03
C GLY C 46 -25.94 19.31 -3.46
N ALA C 47 -24.73 18.82 -3.19
CA ALA C 47 -24.54 17.49 -2.72
C ALA C 47 -25.11 17.19 -1.29
N LEU C 48 -25.11 18.19 -0.43
CA LEU C 48 -25.33 17.93 0.95
C LEU C 48 -26.62 17.18 1.37
N PRO C 49 -27.79 17.59 0.85
CA PRO C 49 -29.02 16.92 1.33
C PRO C 49 -28.99 15.44 1.05
N ALA C 50 -28.65 15.03 -0.19
CA ALA C 50 -28.64 13.63 -0.51
C ALA C 50 -27.55 12.87 0.21
N LEU C 51 -26.42 13.52 0.54
N LEU C 51 -26.47 13.54 0.52
CA LEU C 51 -25.34 12.87 1.38
CA LEU C 51 -25.39 12.90 1.22
C LEU C 51 -25.79 12.67 2.78
C LEU C 51 -25.73 12.71 2.70
N VAL C 52 -26.35 13.71 3.35
CA VAL C 52 -26.87 13.58 4.73
C VAL C 52 -27.94 12.47 4.79
N GLN C 53 -28.86 12.43 3.82
CA GLN C 53 -29.95 11.45 3.85
C GLN C 53 -29.43 10.08 3.97
N LEU C 54 -28.24 9.85 3.38
CA LEU C 54 -27.63 8.52 3.44
C LEU C 54 -27.20 8.09 4.82
N LEU C 55 -27.14 8.99 5.76
CA LEU C 55 -26.83 8.58 7.12
C LEU C 55 -27.91 7.70 7.80
N SER C 56 -29.08 7.63 7.18
N SER C 56 -29.10 7.59 7.22
CA SER C 56 -30.11 6.71 7.60
CA SER C 56 -30.09 6.63 7.70
C SER C 56 -29.89 5.25 7.06
C SER C 56 -29.94 5.22 7.02
N SER C 57 -28.99 5.09 6.10
CA SER C 57 -28.90 3.83 5.36
C SER C 57 -28.52 2.65 6.29
N PRO C 58 -29.11 1.52 6.10
CA PRO C 58 -28.67 0.29 6.77
C PRO C 58 -27.50 -0.40 6.04
N ASN C 59 -27.07 0.20 4.95
CA ASN C 59 -26.01 -0.34 4.09
C ASN C 59 -24.69 0.26 4.60
N GLU C 60 -23.92 -0.58 5.27
CA GLU C 60 -22.65 -0.13 5.84
C GLU C 60 -21.69 0.37 4.84
N GLN C 61 -21.72 -0.16 3.60
CA GLN C 61 -20.78 0.30 2.56
C GLN C 61 -21.10 1.76 2.20
N ILE C 62 -22.36 2.01 1.97
CA ILE C 62 -22.85 3.37 1.70
C ILE C 62 -22.57 4.33 2.89
N LEU C 63 -22.84 3.87 4.10
CA LEU C 63 -22.70 4.70 5.25
C LEU C 63 -21.22 5.11 5.50
N GLN C 64 -20.30 4.20 5.37
CA GLN C 64 -18.92 4.47 5.59
C GLN C 64 -18.44 5.55 4.62
N GLU C 65 -18.84 5.43 3.33
CA GLU C 65 -18.36 6.40 2.35
C GLU C 65 -19.06 7.74 2.44
N ALA C 66 -20.36 7.72 2.81
CA ALA C 66 -21.04 8.97 3.13
C ALA C 66 -20.41 9.70 4.30
N LEU C 67 -20.03 8.96 5.33
CA LEU C 67 -19.33 9.56 6.47
C LEU C 67 -17.99 10.16 6.01
N TRP C 68 -17.22 9.46 5.19
CA TRP C 68 -15.99 10.05 4.69
C TRP C 68 -16.21 11.38 3.98
N ALA C 69 -17.23 11.44 3.13
CA ALA C 69 -17.50 12.67 2.40
C ALA C 69 -17.84 13.83 3.34
N LEU C 70 -18.71 13.55 4.32
CA LEU C 70 -19.10 14.54 5.25
C LEU C 70 -17.93 15.00 6.14
N SER C 71 -17.12 14.06 6.60
CA SER C 71 -15.91 14.39 7.34
C SER C 71 -15.05 15.35 6.52
N ASN C 72 -14.83 15.01 5.27
CA ASN C 72 -13.97 15.82 4.45
C ASN C 72 -14.58 17.19 4.23
N ILE C 73 -15.89 17.27 3.95
CA ILE C 73 -16.52 18.62 3.83
C ILE C 73 -16.25 19.40 5.16
N ALA C 74 -16.34 18.70 6.28
CA ALA C 74 -16.15 19.33 7.58
C ALA C 74 -14.71 19.59 7.96
N SER C 75 -13.80 19.27 7.07
CA SER C 75 -12.39 19.72 7.22
C SER C 75 -12.16 21.11 6.57
N GLY C 76 -13.23 21.73 6.06
CA GLY C 76 -13.15 23.00 5.44
C GLY C 76 -13.27 24.15 6.43
N GLY C 77 -13.58 25.32 5.90
CA GLY C 77 -13.73 26.57 6.67
C GLY C 77 -14.90 26.44 7.61
N ASN C 78 -14.91 27.26 8.63
CA ASN C 78 -16.09 27.31 9.56
C ASN C 78 -17.43 27.35 8.91
N GLU C 79 -17.58 28.13 7.82
CA GLU C 79 -18.85 28.23 7.12
C GLU C 79 -19.25 27.00 6.35
N GLN C 80 -18.24 26.26 5.94
CA GLN C 80 -18.45 24.95 5.31
C GLN C 80 -18.87 23.89 6.33
N ILE C 81 -18.23 23.90 7.50
CA ILE C 81 -18.75 23.09 8.62
C ILE C 81 -20.20 23.42 8.98
N GLN C 82 -20.48 24.71 8.98
CA GLN C 82 -21.82 25.19 9.27
C GLN C 82 -22.78 24.67 8.25
N ALA C 83 -22.38 24.57 7.00
CA ALA C 83 -23.31 24.05 5.96
C ALA C 83 -23.67 22.57 6.18
N VAL C 84 -22.72 21.82 6.71
CA VAL C 84 -23.01 20.39 7.14
C VAL C 84 -24.00 20.34 8.30
N ILE C 85 -23.83 21.24 9.27
CA ILE C 85 -24.79 21.33 10.41
C ILE C 85 -26.15 21.73 9.87
N ASP C 86 -26.21 22.78 9.10
CA ASP C 86 -27.48 23.28 8.58
C ASP C 86 -28.18 22.32 7.59
N ALA C 87 -27.48 21.37 7.06
CA ALA C 87 -28.10 20.33 6.21
C ALA C 87 -28.78 19.27 7.10
N GLY C 88 -28.55 19.29 8.41
CA GLY C 88 -29.25 18.45 9.33
C GLY C 88 -28.53 17.19 9.82
N ALA C 89 -27.20 17.17 9.71
CA ALA C 89 -26.43 15.95 10.03
C ALA C 89 -26.30 15.56 11.48
N LEU C 90 -26.38 16.51 12.38
CA LEU C 90 -25.92 16.21 13.76
C LEU C 90 -26.73 15.17 14.55
N PRO C 91 -28.05 15.20 14.43
CA PRO C 91 -28.76 14.17 15.27
C PRO C 91 -28.39 12.76 14.90
N ALA C 92 -28.25 12.54 13.61
CA ALA C 92 -27.95 11.18 13.13
C ALA C 92 -26.49 10.84 13.55
N LEU C 93 -25.59 11.79 13.43
CA LEU C 93 -24.17 11.53 13.82
C LEU C 93 -24.04 11.23 15.28
N VAL C 94 -24.79 11.93 16.11
CA VAL C 94 -24.82 11.62 17.50
C VAL C 94 -25.36 10.25 17.80
N GLN C 95 -26.46 9.88 17.16
CA GLN C 95 -26.98 8.53 17.38
C GLN C 95 -26.00 7.44 16.95
N LEU C 96 -25.25 7.67 15.91
CA LEU C 96 -24.25 6.63 15.45
C LEU C 96 -23.17 6.38 16.48
N LEU C 97 -23.01 7.28 17.47
CA LEU C 97 -22.10 7.00 18.59
C LEU C 97 -22.46 5.76 19.37
N SER C 98 -23.71 5.27 19.26
N SER C 98 -23.69 5.26 19.25
CA SER C 98 -24.12 4.03 19.89
CA SER C 98 -24.08 4.04 19.90
C SER C 98 -24.00 2.82 18.95
C SER C 98 -23.94 2.81 18.98
N SER C 99 -23.42 2.95 17.77
CA SER C 99 -23.35 1.83 16.84
C SER C 99 -22.41 0.72 17.43
N PRO C 100 -22.82 -0.54 17.33
CA PRO C 100 -21.91 -1.61 17.74
C PRO C 100 -20.93 -1.94 16.58
N ASN C 101 -21.01 -1.22 15.46
CA ASN C 101 -20.09 -1.43 14.36
C ASN C 101 -18.93 -0.45 14.51
N GLU C 102 -17.77 -0.97 14.87
CA GLU C 102 -16.61 -0.14 15.15
C GLU C 102 -16.18 0.70 13.99
N GLN C 103 -16.31 0.21 12.74
CA GLN C 103 -16.02 1.08 11.56
C GLN C 103 -16.92 2.31 11.45
N ILE C 104 -18.22 2.10 11.57
CA ILE C 104 -19.22 3.19 11.57
C ILE C 104 -19.02 4.14 12.75
N LEU C 105 -18.78 3.58 13.93
CA LEU C 105 -18.45 4.41 15.10
C LEU C 105 -17.19 5.28 14.88
N GLN C 106 -16.13 4.69 14.40
CA GLN C 106 -14.94 5.43 14.14
C GLN C 106 -15.15 6.57 13.13
N GLU C 107 -15.92 6.26 12.10
CA GLU C 107 -16.21 7.25 11.07
C GLU C 107 -17.13 8.38 11.58
N ALA C 108 -18.12 8.07 12.42
CA ALA C 108 -19.03 9.07 12.89
C ALA C 108 -18.28 9.97 13.87
N LEU C 109 -17.33 9.39 14.60
CA LEU C 109 -16.49 10.19 15.49
C LEU C 109 -15.58 11.11 14.76
N TRP C 110 -14.99 10.73 13.67
CA TRP C 110 -14.21 11.70 12.94
C TRP C 110 -15.07 12.84 12.45
N ALA C 111 -16.27 12.51 11.94
CA ALA C 111 -17.11 13.56 11.39
C ALA C 111 -17.48 14.54 12.47
N LEU C 112 -17.91 14.07 13.62
CA LEU C 112 -18.25 14.97 14.73
C LEU C 112 -17.10 15.74 15.29
N SER C 113 -15.92 15.11 15.31
CA SER C 113 -14.69 15.79 15.72
C SER C 113 -14.34 16.90 14.75
N ASN C 114 -14.51 16.66 13.45
CA ASN C 114 -14.23 17.71 12.49
C ASN C 114 -15.22 18.86 12.66
N ILE C 115 -16.46 18.53 12.85
CA ILE C 115 -17.47 19.62 13.03
C ILE C 115 -17.08 20.43 14.27
N ALA C 116 -16.72 19.77 15.34
CA ALA C 116 -16.29 20.46 16.52
C ALA C 116 -14.96 21.23 16.42
N SER C 117 -14.24 21.06 15.31
CA SER C 117 -12.98 21.86 15.04
C SER C 117 -13.33 23.17 14.44
N GLY C 118 -14.60 23.47 14.29
CA GLY C 118 -15.07 24.77 13.80
C GLY C 118 -14.97 25.87 14.85
N GLY C 119 -15.65 27.01 14.63
CA GLY C 119 -15.71 28.06 15.66
C GLY C 119 -16.75 27.79 16.71
N ASN C 120 -16.97 28.79 17.59
CA ASN C 120 -17.88 28.56 18.71
C ASN C 120 -19.29 28.22 18.33
N GLU C 121 -19.82 28.83 17.28
CA GLU C 121 -21.17 28.47 16.81
C GLU C 121 -21.27 26.98 16.38
N GLN C 122 -20.24 26.48 15.72
CA GLN C 122 -20.25 25.09 15.26
C GLN C 122 -20.12 24.15 16.43
N ILE C 123 -19.21 24.50 17.37
CA ILE C 123 -19.07 23.73 18.57
C ILE C 123 -20.35 23.68 19.39
N GLN C 124 -21.00 24.80 19.50
CA GLN C 124 -22.21 24.84 20.32
C GLN C 124 -23.34 24.01 19.71
N ALA C 125 -23.37 23.92 18.39
CA ALA C 125 -24.35 23.04 17.69
C ALA C 125 -24.09 21.57 18.04
N VAL C 126 -22.83 21.21 18.21
CA VAL C 126 -22.47 19.81 18.57
C VAL C 126 -22.92 19.58 20.00
N ILE C 127 -22.66 20.53 20.86
CA ILE C 127 -23.11 20.40 22.25
C ILE C 127 -24.64 20.32 22.29
N ASP C 128 -25.30 21.17 21.55
CA ASP C 128 -26.79 21.23 21.53
C ASP C 128 -27.45 19.95 20.95
N ALA C 129 -26.73 19.22 20.09
CA ALA C 129 -27.19 17.91 19.56
C ALA C 129 -26.99 16.84 20.58
N GLY C 130 -26.40 17.15 21.77
CA GLY C 130 -26.28 16.14 22.79
C GLY C 130 -25.12 15.21 22.69
N ALA C 131 -24.05 15.63 22.02
CA ALA C 131 -22.94 14.75 21.87
C ALA C 131 -22.11 14.46 23.14
N LEU C 132 -22.10 15.37 24.11
CA LEU C 132 -21.17 15.18 25.26
C LEU C 132 -21.37 13.94 26.13
N PRO C 133 -22.65 13.55 26.46
CA PRO C 133 -22.74 12.38 27.31
C PRO C 133 -22.16 11.13 26.65
N ALA C 134 -22.38 10.96 25.39
CA ALA C 134 -21.84 9.82 24.71
C ALA C 134 -20.37 9.87 24.58
N LEU C 135 -19.84 11.05 24.28
CA LEU C 135 -18.37 11.22 24.22
C LEU C 135 -17.70 10.90 25.56
N VAL C 136 -18.28 11.36 26.64
CA VAL C 136 -17.75 11.09 27.93
C VAL C 136 -17.78 9.59 28.30
N GLN C 137 -18.85 8.92 27.93
CA GLN C 137 -18.96 7.49 28.15
C GLN C 137 -17.91 6.68 27.29
N LEU C 138 -17.59 7.17 26.10
CA LEU C 138 -16.53 6.54 25.25
C LEU C 138 -15.14 6.69 25.88
N LEU C 139 -14.93 7.59 26.82
CA LEU C 139 -13.68 7.61 27.54
C LEU C 139 -13.39 6.32 28.28
N SER C 140 -14.41 5.52 28.58
CA SER C 140 -14.23 4.17 29.16
C SER C 140 -13.95 3.08 28.15
N SER C 141 -13.87 3.38 26.88
CA SER C 141 -13.81 2.31 25.84
C SER C 141 -12.44 1.52 25.99
N PRO C 142 -12.53 0.19 25.89
CA PRO C 142 -11.26 -0.61 25.86
C PRO C 142 -10.64 -0.58 24.42
N ASN C 143 -11.30 0.05 23.47
CA ASN C 143 -10.80 0.20 22.12
C ASN C 143 -9.99 1.47 21.96
N GLU C 144 -8.69 1.35 21.86
CA GLU C 144 -7.82 2.53 21.81
C GLU C 144 -8.01 3.43 20.61
N GLN C 145 -8.50 2.91 19.51
CA GLN C 145 -8.82 3.74 18.36
C GLN C 145 -10.00 4.63 18.68
N ILE C 146 -11.07 4.05 19.20
CA ILE C 146 -12.23 4.82 19.59
C ILE C 146 -11.94 5.80 20.70
N LEU C 147 -11.12 5.37 21.64
CA LEU C 147 -10.79 6.28 22.74
C LEU C 147 -10.06 7.51 22.21
N GLN C 148 -9.09 7.28 21.31
CA GLN C 148 -8.35 8.42 20.73
C GLN C 148 -9.28 9.40 20.08
N GLU C 149 -10.20 8.85 19.28
CA GLU C 149 -11.10 9.72 18.57
C GLU C 149 -12.05 10.49 19.48
N ALA C 150 -12.57 9.83 20.48
CA ALA C 150 -13.40 10.51 21.53
C ALA C 150 -12.65 11.67 22.18
N LEU C 151 -11.36 11.49 22.46
CA LEU C 151 -10.55 12.53 22.98
C LEU C 151 -10.33 13.64 22.00
N TRP C 152 -10.15 13.37 20.70
CA TRP C 152 -10.05 14.41 19.69
C TRP C 152 -11.36 15.24 19.71
N ALA C 153 -12.50 14.57 19.73
CA ALA C 153 -13.72 15.31 19.70
C ALA C 153 -13.96 16.19 20.96
N LEU C 154 -13.66 15.66 22.14
CA LEU C 154 -13.73 16.40 23.35
C LEU C 154 -12.77 17.57 23.38
N SER C 155 -11.53 17.32 22.97
CA SER C 155 -10.51 18.41 22.87
C SER C 155 -11.01 19.45 21.95
N ASN C 156 -11.56 19.07 20.81
CA ASN C 156 -12.07 20.15 19.86
C ASN C 156 -13.24 20.95 20.47
N ILE C 157 -14.14 20.28 21.17
CA ILE C 157 -15.24 20.99 21.81
C ILE C 157 -14.65 21.98 22.86
N ALA C 158 -13.64 21.52 23.58
CA ALA C 158 -12.94 22.38 24.57
C ALA C 158 -12.02 23.46 23.98
N SER C 159 -11.91 23.48 22.68
CA SER C 159 -11.19 24.54 21.99
C SER C 159 -12.01 25.81 21.80
N GLY C 160 -13.25 25.83 22.25
CA GLY C 160 -14.15 26.92 22.14
C GLY C 160 -13.99 27.94 23.28
N GLY C 161 -15.01 28.77 23.46
CA GLY C 161 -15.00 29.73 24.52
C GLY C 161 -15.37 29.11 25.84
N ASN C 162 -15.39 29.94 26.86
CA ASN C 162 -15.57 29.47 28.19
C ASN C 162 -16.93 28.76 28.36
N GLU C 163 -17.94 29.14 27.61
CA GLU C 163 -19.20 28.36 27.68
C GLU C 163 -19.07 26.91 27.17
N GLN C 164 -18.32 26.76 26.11
CA GLN C 164 -18.17 25.48 25.46
C GLN C 164 -17.30 24.59 26.35
N ILE C 165 -16.24 25.21 26.93
CA ILE C 165 -15.40 24.47 27.88
C ILE C 165 -16.17 24.04 29.09
N GLN C 166 -16.99 24.93 29.62
CA GLN C 166 -17.75 24.58 30.79
C GLN C 166 -18.79 23.48 30.55
N ALA C 167 -19.31 23.36 29.34
CA ALA C 167 -20.16 22.22 29.02
C ALA C 167 -19.36 20.87 29.11
N VAL C 168 -18.09 20.87 28.70
CA VAL C 168 -17.28 19.65 28.82
C VAL C 168 -17.11 19.25 30.28
N ILE C 169 -16.81 20.25 31.07
CA ILE C 169 -16.62 20.05 32.46
C ILE C 169 -17.94 19.53 33.09
N ASP C 170 -19.04 20.22 32.79
CA ASP C 170 -20.37 19.86 33.37
C ASP C 170 -20.79 18.48 32.93
N ALA C 171 -20.33 18.00 31.79
CA ALA C 171 -20.61 16.63 31.41
C ALA C 171 -19.78 15.59 32.13
N GLY C 172 -18.87 16.00 32.98
CA GLY C 172 -18.10 15.05 33.75
C GLY C 172 -16.86 14.44 33.09
N ALA C 173 -16.21 15.14 32.15
CA ALA C 173 -15.07 14.61 31.49
C ALA C 173 -13.82 14.58 32.35
N LEU C 174 -13.72 15.50 33.29
CA LEU C 174 -12.41 15.69 33.98
C LEU C 174 -11.91 14.46 34.71
N PRO C 175 -12.77 13.77 35.47
CA PRO C 175 -12.17 12.66 36.20
C PRO C 175 -11.50 11.56 35.31
N ALA C 176 -12.10 11.24 34.20
CA ALA C 176 -11.53 10.28 33.27
C ALA C 176 -10.27 10.87 32.64
N LEU C 177 -10.30 12.16 32.29
CA LEU C 177 -9.11 12.76 31.72
C LEU C 177 -7.90 12.70 32.70
N VAL C 178 -8.16 12.99 33.97
CA VAL C 178 -7.10 12.97 34.96
C VAL C 178 -6.59 11.55 35.16
N GLN C 179 -7.46 10.60 35.18
CA GLN C 179 -7.00 9.21 35.34
C GLN C 179 -6.10 8.76 34.16
N LEU C 180 -6.43 9.22 32.96
CA LEU C 180 -5.60 8.93 31.74
C LEU C 180 -4.20 9.50 31.82
N LEU C 181 -3.92 10.44 32.75
CA LEU C 181 -2.55 10.91 32.95
C LEU C 181 -1.62 9.90 33.51
N SER C 182 -2.16 8.80 34.02
N SER C 182 -2.16 8.83 34.07
CA SER C 182 -1.38 7.64 34.50
CA SER C 182 -1.31 7.74 34.52
C SER C 182 -1.32 6.52 33.48
C SER C 182 -1.12 6.66 33.47
N SER C 183 -1.69 6.79 32.25
CA SER C 183 -1.62 5.75 31.17
C SER C 183 -0.18 5.50 30.73
N PRO C 184 0.19 4.21 30.53
CA PRO C 184 1.42 3.90 29.91
C PRO C 184 1.37 3.98 28.38
N ASN C 185 0.22 4.40 27.81
CA ASN C 185 0.03 4.50 26.44
C ASN C 185 0.35 5.96 26.09
N GLU C 186 1.49 6.16 25.45
CA GLU C 186 1.91 7.52 25.18
C GLU C 186 0.98 8.31 24.22
N GLN C 187 0.35 7.59 23.30
CA GLN C 187 -0.58 8.21 22.34
C GLN C 187 -1.85 8.72 23.06
N ILE C 188 -2.44 7.87 23.85
CA ILE C 188 -3.61 8.27 24.63
C ILE C 188 -3.28 9.33 25.67
N LEU C 189 -2.15 9.17 26.39
CA LEU C 189 -1.76 10.20 27.36
C LEU C 189 -1.70 11.57 26.77
N GLN C 190 -1.07 11.69 25.62
CA GLN C 190 -0.97 13.02 24.91
C GLN C 190 -2.28 13.57 24.48
N GLU C 191 -3.22 12.69 24.07
CA GLU C 191 -4.53 13.16 23.72
C GLU C 191 -5.28 13.65 24.97
N ALA C 192 -5.11 13.01 26.09
CA ALA C 192 -5.71 13.52 27.36
C ALA C 192 -5.11 14.84 27.78
N LEU C 193 -3.79 14.94 27.62
CA LEU C 193 -3.09 16.27 27.86
C LEU C 193 -3.61 17.36 26.98
N TRP C 194 -3.84 17.08 25.69
CA TRP C 194 -4.32 18.07 24.82
C TRP C 194 -5.69 18.56 25.33
N ALA C 195 -6.55 17.62 25.69
CA ALA C 195 -7.92 18.00 26.17
C ALA C 195 -7.81 18.87 27.39
N LEU C 196 -7.00 18.42 28.37
CA LEU C 196 -6.87 19.23 29.64
C LEU C 196 -6.26 20.62 29.26
N SER C 197 -5.31 20.64 28.32
N SER C 197 -5.36 20.64 28.25
N SER C 197 -5.39 20.65 28.23
CA SER C 197 -4.56 21.90 27.99
CA SER C 197 -4.65 21.91 27.94
CA SER C 197 -4.61 21.90 27.94
C SER C 197 -5.43 22.97 27.27
C SER C 197 -5.57 22.95 27.49
C SER C 197 -5.39 23.01 27.19
N ASN C 198 -6.54 22.39 26.60
CA ASN C 198 -7.60 23.22 26.08
C ASN C 198 -8.54 23.69 27.19
N ILE C 199 -8.99 22.78 28.03
CA ILE C 199 -9.90 23.14 29.12
C ILE C 199 -9.25 24.25 29.96
N ALA C 200 -7.95 24.08 30.24
CA ALA C 200 -7.23 25.06 31.04
C ALA C 200 -6.93 26.35 30.29
N SER C 201 -7.32 26.48 29.01
N SER C 201 -7.28 26.44 29.00
CA SER C 201 -7.16 27.71 28.23
CA SER C 201 -7.15 27.69 28.24
C SER C 201 -8.40 28.56 28.38
C SER C 201 -8.35 28.57 28.40
N GLY C 202 -9.29 28.18 29.29
CA GLY C 202 -10.46 28.99 29.59
C GLY C 202 -10.17 30.02 30.69
N GLY C 203 -11.22 30.38 31.39
CA GLY C 203 -11.13 31.38 32.44
C GLY C 203 -10.78 30.75 33.74
N ASN C 204 -10.65 31.55 34.78
CA ASN C 204 -10.22 30.99 36.08
C ASN C 204 -11.15 29.90 36.66
N GLU C 205 -12.43 29.95 36.42
CA GLU C 205 -13.34 28.90 36.87
C GLU C 205 -13.06 27.55 36.15
N GLN C 206 -12.68 27.61 34.87
CA GLN C 206 -12.40 26.40 34.11
C GLN C 206 -11.02 25.85 34.57
N ILE C 207 -10.05 26.75 34.75
CA ILE C 207 -8.75 26.30 35.27
C ILE C 207 -8.93 25.66 36.65
N GLN C 208 -9.71 26.31 37.53
CA GLN C 208 -9.90 25.77 38.85
C GLN C 208 -10.54 24.39 38.83
N ALA C 209 -11.42 24.16 37.89
CA ALA C 209 -12.07 22.83 37.79
C ALA C 209 -11.00 21.77 37.50
N VAL C 210 -10.02 22.12 36.67
CA VAL C 210 -8.92 21.17 36.37
C VAL C 210 -8.14 20.87 37.63
N ILE C 211 -7.83 21.97 38.39
CA ILE C 211 -7.07 21.82 39.64
C ILE C 211 -7.87 20.96 40.65
N ASP C 212 -9.15 21.26 40.82
CA ASP C 212 -10.03 20.51 41.74
C ASP C 212 -10.22 19.06 41.33
N ALA C 213 -10.07 18.68 40.03
CA ALA C 213 -10.08 17.30 39.66
C ALA C 213 -8.79 16.54 39.92
N GLY C 214 -7.78 17.20 40.46
CA GLY C 214 -6.52 16.53 40.88
C GLY C 214 -5.50 16.40 39.79
N ALA C 215 -5.54 17.27 38.76
CA ALA C 215 -4.59 17.19 37.67
C ALA C 215 -3.16 17.55 38.09
N LEU C 216 -2.95 18.42 39.07
CA LEU C 216 -1.57 18.95 39.26
C LEU C 216 -0.51 17.97 39.68
N PRO C 217 -0.83 17.01 40.59
CA PRO C 217 0.28 16.09 40.98
C PRO C 217 0.77 15.21 39.75
N ALA C 218 -0.15 14.83 38.90
CA ALA C 218 0.18 14.06 37.73
C ALA C 218 1.00 14.91 36.75
N LEU C 219 0.58 16.14 36.47
CA LEU C 219 1.28 17.03 35.54
C LEU C 219 2.69 17.31 36.05
N VAL C 220 2.80 17.55 37.36
CA VAL C 220 4.12 17.78 37.92
C VAL C 220 5.01 16.53 37.79
N GLN C 221 4.46 15.33 38.02
CA GLN C 221 5.25 14.04 37.84
C GLN C 221 5.73 13.95 36.35
N LEU C 222 4.86 14.37 35.39
CA LEU C 222 5.21 14.22 34.01
C LEU C 222 6.32 15.14 33.56
N LEU C 223 6.65 16.11 34.36
CA LEU C 223 7.74 17.00 34.08
C LEU C 223 9.11 16.25 34.16
N SER C 224 9.15 15.06 34.75
N SER C 224 9.15 15.08 34.81
CA SER C 224 10.33 14.24 34.78
CA SER C 224 10.30 14.16 34.83
C SER C 224 10.36 13.22 33.68
C SER C 224 10.40 13.24 33.64
N SER C 225 9.45 13.31 32.70
CA SER C 225 9.43 12.35 31.61
C SER C 225 10.71 12.42 30.75
N PRO C 226 11.28 11.30 30.37
CA PRO C 226 12.30 11.26 29.33
C PRO C 226 11.74 11.35 27.89
N ASN C 227 10.46 11.47 27.75
CA ASN C 227 9.83 11.63 26.44
C ASN C 227 9.48 13.13 26.24
N GLU C 228 10.21 13.80 25.36
CA GLU C 228 10.00 15.18 25.12
C GLU C 228 8.65 15.59 24.55
N GLN C 229 8.04 14.70 23.81
CA GLN C 229 6.62 14.90 23.39
C GLN C 229 5.67 15.05 24.55
N ILE C 230 5.74 14.09 25.46
CA ILE C 230 4.91 14.09 26.67
C ILE C 230 5.26 15.32 27.51
N LEU C 231 6.56 15.55 27.68
CA LEU C 231 6.99 16.65 28.54
C LEU C 231 6.42 17.96 28.02
N GLN C 232 6.47 18.16 26.68
CA GLN C 232 6.03 19.42 26.07
C GLN C 232 4.52 19.62 26.31
N GLU C 233 3.76 18.56 26.18
CA GLU C 233 2.33 18.65 26.42
C GLU C 233 2.02 18.94 27.85
N ALA C 234 2.73 18.27 28.78
CA ALA C 234 2.51 18.52 30.18
C ALA C 234 2.86 19.95 30.54
N LEU C 235 3.90 20.48 29.95
CA LEU C 235 4.32 21.83 30.20
C LEU C 235 3.27 22.80 29.63
N TRP C 236 2.75 22.53 28.46
N TRP C 236 2.74 22.57 28.44
CA TRP C 236 1.71 23.39 27.87
CA TRP C 236 1.70 23.44 27.87
C TRP C 236 0.47 23.42 28.78
C TRP C 236 0.49 23.45 28.81
N ALA C 237 0.08 22.28 29.32
CA ALA C 237 -1.07 22.25 30.22
C ALA C 237 -0.78 23.11 31.48
N LEU C 238 0.38 22.85 32.11
CA LEU C 238 0.77 23.62 33.37
C LEU C 238 0.92 25.06 33.11
N SER C 239 1.47 25.40 31.97
CA SER C 239 1.56 26.81 31.61
C SER C 239 0.19 27.53 31.43
N ASN C 240 -0.77 26.85 30.80
CA ASN C 240 -2.12 27.35 30.77
C ASN C 240 -2.73 27.51 32.16
N ILE C 241 -2.54 26.56 33.02
CA ILE C 241 -3.03 26.70 34.37
C ILE C 241 -2.37 27.93 35.07
N ALA C 242 -1.08 28.11 34.84
CA ALA C 242 -0.36 29.20 35.48
C ALA C 242 -0.78 30.56 34.97
N SER C 243 -1.50 30.60 33.86
N SER C 243 -1.47 30.64 33.84
CA SER C 243 -2.05 31.82 33.33
CA SER C 243 -2.08 31.85 33.35
C SER C 243 -3.29 32.25 34.09
C SER C 243 -3.28 32.28 34.15
N GLY C 244 -3.74 31.48 35.09
CA GLY C 244 -4.91 31.86 35.80
C GLY C 244 -4.61 32.98 36.80
N GLY C 245 -5.50 33.14 37.77
CA GLY C 245 -5.28 34.13 38.86
C GLY C 245 -4.43 33.59 39.99
N ASN C 246 -4.32 34.39 41.05
CA ASN C 246 -3.40 34.08 42.09
C ASN C 246 -3.72 32.79 42.79
N GLU C 247 -5.00 32.44 42.84
CA GLU C 247 -5.39 31.20 43.52
C GLU C 247 -4.87 29.98 42.72
N GLN C 248 -4.95 30.11 41.40
CA GLN C 248 -4.50 29.07 40.49
C GLN C 248 -2.98 28.96 40.50
N LYS C 249 -2.28 30.09 40.43
CA LYS C 249 -0.82 30.10 40.51
C LYS C 249 -0.30 29.47 41.80
N GLN C 250 -0.95 29.79 42.91
CA GLN C 250 -0.59 29.22 44.22
C GLN C 250 -0.74 27.72 44.24
N ALA C 251 -1.79 27.20 43.65
CA ALA C 251 -1.99 25.76 43.68
C ALA C 251 -0.85 25.03 42.91
N VAL C 252 -0.42 25.67 41.82
CA VAL C 252 0.70 25.14 41.00
C VAL C 252 1.97 25.14 41.82
N LYS C 253 2.20 26.23 42.57
CA LYS C 253 3.37 26.31 43.51
C LYS C 253 3.30 25.25 44.58
N GLU C 254 2.15 25.02 45.14
CA GLU C 254 2.02 24.07 46.23
C GLU C 254 2.26 22.68 45.75
N ALA C 255 2.01 22.43 44.45
CA ALA C 255 2.25 21.13 43.90
C ALA C 255 3.70 20.83 43.56
N GLY C 256 4.61 21.76 43.80
CA GLY C 256 6.06 21.54 43.62
C GLY C 256 6.50 21.83 42.21
N ALA C 257 5.71 22.58 41.41
CA ALA C 257 6.09 22.82 40.05
C ALA C 257 7.33 23.75 39.90
N LEU C 258 7.51 24.70 40.79
CA LEU C 258 8.62 25.69 40.59
C LEU C 258 10.01 25.10 40.53
N GLU C 259 10.22 24.21 41.44
CA GLU C 259 11.53 23.55 41.48
C GLU C 259 11.82 22.78 40.13
N LYS C 260 10.83 22.07 39.64
CA LYS C 260 11.00 21.34 38.43
C LYS C 260 11.14 22.24 37.22
N LEU C 261 10.38 23.32 37.21
CA LEU C 261 10.45 24.23 36.07
C LEU C 261 11.81 24.88 36.01
N GLU C 262 12.36 25.15 37.20
CA GLU C 262 13.71 25.74 37.25
C GLU C 262 14.75 24.76 36.68
N GLN C 263 14.63 23.49 37.10
CA GLN C 263 15.52 22.47 36.58
C GLN C 263 15.43 22.32 35.09
N LEU C 264 14.20 22.40 34.54
CA LEU C 264 13.98 22.27 33.10
C LEU C 264 14.58 23.37 32.24
N GLN C 265 14.94 24.48 32.87
CA GLN C 265 15.68 25.47 32.18
C GLN C 265 17.01 24.98 31.66
N SER C 266 17.56 23.85 32.15
CA SER C 266 18.74 23.25 31.56
C SER C 266 18.50 21.98 30.73
N HIS C 267 17.26 21.72 30.31
CA HIS C 267 16.93 20.57 29.55
C HIS C 267 17.61 20.71 28.18
N GLU C 268 18.07 19.64 27.61
CA GLU C 268 18.80 19.74 26.34
C GLU C 268 17.91 20.24 25.16
N ASN C 269 16.65 20.07 25.22
CA ASN C 269 15.71 20.48 24.17
C ASN C 269 15.32 21.95 24.43
N GLU C 270 15.67 22.79 23.45
CA GLU C 270 15.52 24.24 23.56
C GLU C 270 14.06 24.70 23.61
N LYS C 271 13.13 24.00 22.99
CA LYS C 271 11.75 24.32 23.04
C LYS C 271 11.21 24.05 24.47
N ILE C 272 11.71 22.97 25.09
CA ILE C 272 11.30 22.69 26.46
C ILE C 272 11.92 23.82 27.37
N GLN C 273 13.19 24.19 27.18
CA GLN C 273 13.76 25.21 28.04
C GLN C 273 12.91 26.50 28.01
N LYS C 274 12.58 26.88 26.81
CA LYS C 274 11.78 28.13 26.62
C LYS C 274 10.41 28.06 27.25
N GLU C 275 9.72 26.96 27.04
CA GLU C 275 8.38 26.80 27.63
C GLU C 275 8.44 26.75 29.20
N ALA C 276 9.48 26.06 29.73
CA ALA C 276 9.66 26.05 31.22
C ALA C 276 9.94 27.43 31.74
N GLN C 277 10.75 28.19 31.03
CA GLN C 277 10.96 29.59 31.44
C GLN C 277 9.70 30.47 31.40
N GLU C 278 8.97 30.36 30.32
CA GLU C 278 7.69 31.06 30.15
C GLU C 278 6.74 30.72 31.30
N ALA C 279 6.65 29.43 31.65
CA ALA C 279 5.77 29.04 32.74
C ALA C 279 6.19 29.64 34.07
N LEU C 280 7.50 29.56 34.31
CA LEU C 280 8.10 30.15 35.50
C LEU C 280 7.79 31.61 35.64
N GLU C 281 7.83 32.36 34.55
CA GLU C 281 7.52 33.79 34.58
C GLU C 281 6.07 34.12 34.89
N LYS C 282 5.14 33.34 34.39
CA LYS C 282 3.80 33.48 34.80
C LYS C 282 3.59 33.21 36.29
N LEU C 283 4.34 32.28 36.86
CA LEU C 283 4.22 31.98 38.26
C LEU C 283 4.73 33.02 39.17
N GLN C 284 5.75 33.77 38.75
CA GLN C 284 6.43 34.72 39.63
C GLN C 284 5.88 36.12 39.47
N SER C 285 5.08 36.36 38.44
CA SER C 285 4.34 37.62 38.34
C SER C 285 3.15 37.54 39.31
N LYS D 1 16.29 -3.12 -11.86
CA LYS D 1 14.88 -3.54 -11.67
C LYS D 1 14.07 -3.40 -12.94
N ARG D 2 14.65 -2.94 -14.09
CA ARG D 2 13.88 -2.73 -15.31
C ARG D 2 13.88 -4.01 -16.18
N LYS D 3 12.70 -4.52 -16.54
CA LYS D 3 12.56 -5.80 -17.24
C LYS D 3 11.96 -5.51 -18.60
N ARG D 4 12.23 -6.36 -19.52
CA ARG D 4 11.63 -6.24 -20.84
C ARG D 4 11.36 -7.61 -21.46
N LYS D 5 10.26 -7.69 -22.19
CA LYS D 5 9.84 -8.92 -22.93
C LYS D 5 9.84 -8.62 -24.42
N ARG D 6 10.08 -9.61 -25.23
CA ARG D 6 9.96 -9.52 -26.65
C ARG D 6 9.05 -10.62 -27.16
N LYS D 7 8.05 -10.24 -27.96
CA LYS D 7 7.20 -11.25 -28.56
C LYS D 7 7.73 -11.60 -29.94
N ARG D 8 7.29 -12.75 -30.43
CA ARG D 8 7.67 -13.22 -31.76
C ARG D 8 6.41 -13.31 -32.57
N LYS D 9 6.17 -12.34 -33.44
CA LYS D 9 4.87 -12.28 -34.13
C LYS D 9 5.08 -12.14 -35.58
N ARG D 10 4.20 -12.74 -36.37
CA ARG D 10 4.19 -12.50 -37.80
C ARG D 10 3.01 -11.59 -38.13
N LYS E 1 -6.83 -12.79 -8.46
CA LYS E 1 -5.78 -11.88 -8.87
C LYS E 1 -6.03 -10.36 -8.63
N ARG E 2 -7.14 -9.95 -7.96
CA ARG E 2 -7.37 -8.52 -7.73
C ARG E 2 -6.64 -8.13 -6.44
N LYS E 3 -5.78 -7.15 -6.55
CA LYS E 3 -4.97 -6.72 -5.40
C LYS E 3 -5.37 -5.28 -4.96
N ARG E 4 -5.28 -5.01 -3.69
CA ARG E 4 -5.54 -3.67 -3.15
C ARG E 4 -4.52 -3.17 -2.16
N LYS E 5 -4.25 -1.87 -2.24
CA LYS E 5 -3.28 -1.24 -1.34
C LYS E 5 -4.08 -0.18 -0.55
N ARG E 6 -3.67 0.06 0.69
CA ARG E 6 -4.25 1.15 1.52
C ARG E 6 -3.12 2.08 1.95
N LYS E 7 -3.19 3.34 1.60
CA LYS E 7 -2.26 4.32 2.09
C LYS E 7 -2.70 4.93 3.38
N ARG E 8 -1.76 5.46 4.19
CA ARG E 8 -2.11 6.03 5.49
C ARG E 8 -1.76 7.55 5.39
N LYS E 9 -2.75 8.39 5.19
CA LYS E 9 -2.48 9.77 4.92
C LYS E 9 -3.24 10.66 5.87
N ARG E 10 -2.66 11.84 6.15
CA ARG E 10 -3.39 12.93 6.78
C ARG E 10 -3.79 14.02 5.79
N LYS F 1 -7.50 26.07 22.88
CA LYS F 1 -7.77 26.71 21.64
C LYS F 1 -7.05 25.96 20.45
N ARG F 2 -6.37 24.81 20.70
CA ARG F 2 -5.79 24.03 19.58
C ARG F 2 -6.91 23.13 19.01
N LYS F 3 -7.12 23.20 17.72
CA LYS F 3 -8.18 22.44 16.97
C LYS F 3 -7.46 21.49 16.00
N ARG F 4 -8.08 20.39 15.67
CA ARG F 4 -7.50 19.47 14.74
C ARG F 4 -8.54 18.87 13.91
N LYS F 5 -8.19 18.65 12.62
CA LYS F 5 -9.06 18.02 11.72
C LYS F 5 -8.44 16.77 11.17
N ARG F 6 -9.29 15.82 10.80
CA ARG F 6 -8.86 14.52 10.23
C ARG F 6 -9.51 14.30 8.89
N LYS F 7 -8.75 14.21 7.85
CA LYS F 7 -9.31 13.94 6.52
C LYS F 7 -9.39 12.45 6.32
N ARG F 8 -10.26 12.01 5.44
CA ARG F 8 -10.49 10.57 5.15
C ARG F 8 -10.12 10.36 3.67
N LYS F 9 -8.93 9.83 3.44
CA LYS F 9 -8.36 9.82 2.15
C LYS F 9 -7.94 8.36 1.87
N ARG F 10 -8.02 8.06 0.59
CA ARG F 10 -7.39 6.80 0.06
C ARG F 10 -6.18 7.16 -0.78
#